data_8THJ
#
_entry.id   8THJ
#
_cell.length_a   1.00
_cell.length_b   1.00
_cell.length_c   1.00
_cell.angle_alpha   90.00
_cell.angle_beta   90.00
_cell.angle_gamma   90.00
#
_symmetry.space_group_name_H-M   'P 1'
#
loop_
_entity.id
_entity.type
_entity.pdbx_description
1 polymer 'Sialic acid TRAP transporter permease protein SiaT'
2 non-polymer 'SODIUM ION'
3 non-polymer PHOSPHATIDYLETHANOLAMINE
4 non-polymer '(1S)-2-{[{[(2R)-2,3-DIHYDROXYPROPYL]OXY}(HYDROXY)PHOSPHORYL]OXY}-1-[(PALMITOYLOXY)METHYL]ETHYL STEARATE'
#
_entity_poly.entity_id   1
_entity_poly.type   'polypeptide(L)'
_entity_poly.pdbx_seq_one_letter_code
;MGGSHHHHHHGMASMTGGQQMGRDLYDDDDKDRWGSELEMKYINKLEEWLGGALFIAIFGILIAQILSRQVFHSPLIWSE
ELAKLLFVYVGMLGISVAVRKQEHVFIDFLTNLMPEKIRKFTNTFVQLLVFICIFLFIHFGIRTFNGASFPIDALGGISE
KWIFAALPVVAILMMFRFIQAQTLNFKTGKSYLPATFFIISAVILFAILFFAPDWFKVLRISNYIKLGSSSVYVALLVWL
IIMFIGVPVGWSLFIATLLYFSMTRWNVVNAATEKLVYSLDSFPLLAVPFYILTGILMNTGGITERIFNFAKALLGHYTG
GMGHVNIGASLLFSGMSGSALADAGGLGQLEIKAMRDAGYDDDICGGITAASCIIGPLVPPSIAMIIYGVIANESIAKLF
IAGFIPGVLITLALMAMNYRIAKKRGYPRTPKATREQLCSSFKQSFWAILTPLLIIGGIFSGLFSPTESAIVAAAYSVII
GKFVYKELTLKSLFNSCIEAMAITGVVALMIMTVTFFGDMIAREQVAMRVADVFVAVADSPLTVLIMINALLLFLGMFID
ALALQFLVLPMLIPIAMQFNIDLIFFGVMTTLNMMVGILTPPMGMALFVVARVGNMSVSTVTKGVLPFLIPVFVTLVLIT
IFPQIITFVPNLLIP
;
_entity_poly.pdbx_strand_id   A,B
#
loop_
_chem_comp.id
_chem_comp.type
_chem_comp.name
_chem_comp.formula
NA non-polymer 'SODIUM ION' 'Na 1'
PGT non-polymer '(1S)-2-{[{[(2R)-2,3-DIHYDROXYPROPYL]OXY}(HYDROXY)PHOSPHORYL]OXY}-1-[(PALMITOYLOXY)METHYL]ETHYL STEARATE' 'C40 H79 O10 P'
PTY non-polymer PHOSPHATIDYLETHANOLAMINE 'C40 H80 N O8 P'
#
# COMPACT_ATOMS: atom_id res chain seq x y z
N MET A 40 -17.97 -12.36 9.45
CA MET A 40 -16.53 -11.99 9.45
C MET A 40 -16.45 -10.47 9.38
N LYS A 41 -16.68 -9.81 10.48
CA LYS A 41 -16.81 -8.33 10.52
C LYS A 41 -15.53 -7.62 10.10
N TYR A 42 -14.37 -8.11 10.48
CA TYR A 42 -13.12 -7.32 10.27
C TYR A 42 -12.62 -7.40 8.83
N ILE A 43 -13.33 -7.99 7.88
CA ILE A 43 -12.96 -7.90 6.47
C ILE A 43 -14.17 -7.43 5.68
N ASN A 44 -15.01 -6.60 6.31
CA ASN A 44 -16.27 -6.17 5.73
C ASN A 44 -16.11 -5.01 4.76
N LYS A 45 -14.94 -4.39 4.67
CA LYS A 45 -14.71 -3.28 3.74
C LYS A 45 -13.36 -3.41 3.06
N LEU A 46 -12.79 -4.61 3.04
CA LEU A 46 -11.47 -4.81 2.46
C LEU A 46 -11.43 -4.40 1.00
N GLU A 47 -12.35 -4.94 0.20
CA GLU A 47 -12.35 -4.65 -1.23
C GLU A 47 -12.49 -3.15 -1.47
N GLU A 48 -13.47 -2.53 -0.83
CA GLU A 48 -13.71 -1.10 -1.05
C GLU A 48 -12.46 -0.29 -0.73
N TRP A 49 -11.88 -0.48 0.46
CA TRP A 49 -10.78 0.37 0.88
C TRP A 49 -9.54 0.12 0.02
N LEU A 50 -9.19 -1.14 -0.20
CA LEU A 50 -7.99 -1.45 -0.98
C LEU A 50 -8.14 -0.95 -2.41
N GLY A 51 -9.32 -1.14 -3.01
CA GLY A 51 -9.54 -0.67 -4.36
C GLY A 51 -9.49 0.83 -4.46
N GLY A 52 -10.04 1.54 -3.48
CA GLY A 52 -9.92 2.99 -3.48
C GLY A 52 -8.48 3.45 -3.41
N ALA A 53 -7.67 2.80 -2.57
CA ALA A 53 -6.26 3.16 -2.49
C ALA A 53 -5.57 2.93 -3.83
N LEU A 54 -5.81 1.78 -4.44
CA LEU A 54 -5.18 1.49 -5.73
C LEU A 54 -5.64 2.48 -6.80
N PHE A 55 -6.92 2.85 -6.78
CA PHE A 55 -7.45 3.81 -7.73
C PHE A 55 -6.73 5.14 -7.60
N ILE A 56 -6.55 5.62 -6.36
CA ILE A 56 -5.86 6.88 -6.14
C ILE A 56 -4.42 6.78 -6.63
N ALA A 57 -3.76 5.66 -6.35
CA ALA A 57 -2.38 5.49 -6.79
C ALA A 57 -2.27 5.56 -8.30
N ILE A 58 -3.17 4.88 -9.01
CA ILE A 58 -3.15 4.90 -10.47
C ILE A 58 -3.39 6.30 -10.99
N PHE A 59 -4.37 7.00 -10.39
CA PHE A 59 -4.66 8.37 -10.80
C PHE A 59 -3.40 9.23 -10.69
N GLY A 60 -2.71 9.14 -9.56
CA GLY A 60 -1.50 9.91 -9.37
C GLY A 60 -0.41 9.55 -10.37
N ILE A 61 -0.25 8.26 -10.65
CA ILE A 61 0.80 7.83 -11.56
C ILE A 61 0.56 8.41 -12.95
N LEU A 62 -0.68 8.29 -13.45
CA LEU A 62 -0.96 8.84 -14.78
C LEU A 62 -0.85 10.36 -14.81
N ILE A 63 -1.28 11.03 -13.73
CA ILE A 63 -1.12 12.48 -13.69
C ILE A 63 0.35 12.84 -13.82
N ALA A 64 1.21 12.14 -13.07
CA ALA A 64 2.64 12.42 -13.15
C ALA A 64 3.18 12.17 -14.55
N GLN A 65 2.77 11.06 -15.17
CA GLN A 65 3.23 10.78 -16.53
C GLN A 65 2.88 11.91 -17.48
N ILE A 66 1.60 12.32 -17.48
CA ILE A 66 1.17 13.35 -18.42
C ILE A 66 1.90 14.65 -18.16
N LEU A 67 1.98 15.06 -16.89
CA LEU A 67 2.62 16.33 -16.56
C LEU A 67 4.09 16.32 -16.98
N SER A 68 4.79 15.23 -16.68
CA SER A 68 6.21 15.16 -17.03
C SER A 68 6.41 15.20 -18.54
N ARG A 69 5.61 14.45 -19.29
CA ARG A 69 5.81 14.39 -20.73
C ARG A 69 5.48 15.72 -21.40
N GLN A 70 4.35 16.33 -21.03
CA GLN A 70 3.91 17.52 -21.73
C GLN A 70 4.71 18.76 -21.35
N VAL A 71 5.04 18.92 -20.07
CA VAL A 71 5.65 20.16 -19.58
C VAL A 71 7.16 20.07 -19.60
N PHE A 72 7.74 19.04 -18.98
CA PHE A 72 9.19 18.95 -18.82
C PHE A 72 9.87 18.21 -19.96
N HIS A 73 9.13 17.69 -20.93
CA HIS A 73 9.71 16.93 -22.04
C HIS A 73 10.57 15.78 -21.51
N SER A 74 10.06 15.08 -20.50
CA SER A 74 10.78 13.98 -19.85
C SER A 74 9.87 12.76 -19.82
N PRO A 75 9.77 12.02 -20.92
CA PRO A 75 8.90 10.84 -20.94
C PRO A 75 9.34 9.80 -19.92
N LEU A 76 8.36 9.09 -19.38
CA LEU A 76 8.57 8.02 -18.42
C LEU A 76 8.19 6.69 -19.06
N ILE A 77 8.97 5.65 -18.76
CA ILE A 77 8.80 4.36 -19.42
C ILE A 77 8.14 3.30 -18.53
N TRP A 78 7.80 3.64 -17.29
CA TRP A 78 7.24 2.67 -16.36
C TRP A 78 5.81 3.00 -15.94
N SER A 79 5.35 4.21 -16.20
CA SER A 79 4.03 4.62 -15.71
C SER A 79 2.93 3.75 -16.29
N GLU A 80 2.98 3.48 -17.60
CA GLU A 80 1.92 2.69 -18.23
C GLU A 80 1.89 1.27 -17.66
N GLU A 81 3.06 0.64 -17.57
CA GLU A 81 3.11 -0.73 -17.07
C GLU A 81 2.60 -0.80 -15.64
N LEU A 82 3.04 0.13 -14.79
CA LEU A 82 2.59 0.12 -13.40
C LEU A 82 1.08 0.34 -13.32
N ALA A 83 0.56 1.28 -14.12
CA ALA A 83 -0.87 1.55 -14.10
C ALA A 83 -1.68 0.34 -14.50
N LYS A 84 -1.26 -0.36 -15.55
CA LYS A 84 -1.98 -1.56 -15.98
C LYS A 84 -1.89 -2.65 -14.92
N LEU A 85 -0.72 -2.82 -14.32
CA LEU A 85 -0.56 -3.82 -13.28
C LEU A 85 -1.52 -3.57 -12.12
N LEU A 86 -1.66 -2.31 -11.70
CA LEU A 86 -2.59 -2.00 -10.62
C LEU A 86 -4.03 -2.14 -11.07
N PHE A 87 -4.32 -1.77 -12.32
CA PHE A 87 -5.69 -1.87 -12.81
C PHE A 87 -6.19 -3.30 -12.83
N VAL A 88 -5.30 -4.26 -13.06
CA VAL A 88 -5.72 -5.66 -13.01
C VAL A 88 -6.32 -5.98 -11.64
N TYR A 89 -5.60 -5.63 -10.57
CA TYR A 89 -6.10 -5.89 -9.22
C TYR A 89 -7.38 -5.11 -8.95
N VAL A 90 -7.45 -3.87 -9.42
CA VAL A 90 -8.66 -3.07 -9.20
C VAL A 90 -9.86 -3.77 -9.82
N GLY A 91 -9.70 -4.26 -11.05
CA GLY A 91 -10.80 -4.95 -11.71
C GLY A 91 -11.21 -6.22 -10.98
N MET A 92 -10.24 -7.00 -10.51
CA MET A 92 -10.58 -8.21 -9.77
C MET A 92 -11.36 -7.87 -8.50
N LEU A 93 -10.93 -6.83 -7.79
CA LEU A 93 -11.63 -6.44 -6.57
C LEU A 93 -13.05 -5.98 -6.87
N GLY A 94 -13.23 -5.22 -7.96
CA GLY A 94 -14.58 -4.83 -8.35
C GLY A 94 -15.46 -6.03 -8.66
N ILE A 95 -14.90 -7.02 -9.36
CA ILE A 95 -15.66 -8.24 -9.64
C ILE A 95 -16.08 -8.92 -8.34
N SER A 96 -15.16 -8.97 -7.36
CA SER A 96 -15.49 -9.60 -6.09
C SER A 96 -16.62 -8.86 -5.38
N VAL A 97 -16.57 -7.52 -5.38
CA VAL A 97 -17.63 -6.75 -4.73
C VAL A 97 -18.96 -7.04 -5.40
N ALA A 98 -18.98 -7.02 -6.74
CA ALA A 98 -20.22 -7.29 -7.45
C ALA A 98 -20.76 -8.68 -7.13
N VAL A 99 -19.87 -9.66 -7.05
CA VAL A 99 -20.29 -11.02 -6.71
C VAL A 99 -20.92 -11.04 -5.31
N ARG A 100 -20.30 -10.33 -4.38
CA ARG A 100 -20.85 -10.30 -3.02
C ARG A 100 -22.25 -9.70 -3.01
N LYS A 101 -22.45 -8.60 -3.73
CA LYS A 101 -23.72 -7.90 -3.69
C LYS A 101 -24.75 -8.44 -4.67
N GLN A 102 -24.39 -9.42 -5.51
CA GLN A 102 -25.30 -9.99 -6.50
C GLN A 102 -25.84 -8.92 -7.43
N GLU A 103 -24.92 -8.29 -8.18
CA GLU A 103 -25.27 -7.20 -9.07
C GLU A 103 -24.86 -7.47 -10.52
N HIS A 104 -24.38 -8.66 -10.83
CA HIS A 104 -23.95 -8.95 -12.19
C HIS A 104 -25.15 -8.99 -13.13
N VAL A 105 -24.94 -8.51 -14.36
CA VAL A 105 -26.03 -8.35 -15.31
C VAL A 105 -26.54 -9.71 -15.74
N PHE A 106 -27.85 -9.77 -16.01
CA PHE A 106 -28.49 -10.99 -16.50
C PHE A 106 -29.77 -10.61 -17.23
N ILE A 107 -30.27 -11.55 -18.02
CA ILE A 107 -31.51 -11.35 -18.76
C ILE A 107 -32.67 -11.76 -17.86
N ASP A 108 -33.62 -10.85 -17.67
CA ASP A 108 -34.74 -11.06 -16.76
C ASP A 108 -36.08 -10.99 -17.48
N PHE A 109 -36.13 -11.32 -18.76
CA PHE A 109 -37.39 -11.28 -19.49
C PHE A 109 -38.26 -12.49 -19.13
N LEU A 110 -37.75 -13.69 -19.37
CA LEU A 110 -38.54 -14.89 -19.08
C LEU A 110 -38.70 -15.12 -17.60
N THR A 111 -37.78 -14.61 -16.78
CA THR A 111 -37.86 -14.82 -15.34
C THR A 111 -39.11 -14.17 -14.75
N ASN A 112 -39.44 -12.96 -15.20
CA ASN A 112 -40.56 -12.22 -14.61
C ASN A 112 -41.90 -12.89 -14.86
N LEU A 113 -41.97 -13.86 -15.77
CA LEU A 113 -43.20 -14.54 -16.09
C LEU A 113 -43.37 -15.85 -15.32
N MET A 114 -42.45 -16.20 -14.44
CA MET A 114 -42.50 -17.49 -13.79
C MET A 114 -43.18 -17.39 -12.42
N PRO A 115 -43.87 -18.44 -11.99
CA PRO A 115 -44.35 -18.50 -10.61
C PRO A 115 -43.19 -18.63 -9.64
N GLU A 116 -43.46 -18.28 -8.38
CA GLU A 116 -42.41 -18.32 -7.36
C GLU A 116 -41.89 -19.74 -7.17
N LYS A 117 -42.79 -20.72 -7.11
CA LYS A 117 -42.37 -22.10 -6.94
C LYS A 117 -41.50 -22.56 -8.10
N ILE A 118 -41.80 -22.10 -9.32
CA ILE A 118 -40.96 -22.44 -10.45
C ILE A 118 -39.70 -21.60 -10.50
N ARG A 119 -39.69 -20.44 -9.85
CA ARG A 119 -38.46 -19.64 -9.77
C ARG A 119 -37.48 -20.24 -8.79
N LYS A 120 -37.97 -20.95 -7.77
CA LYS A 120 -37.07 -21.50 -6.76
C LYS A 120 -36.07 -22.48 -7.37
N PHE A 121 -36.54 -23.38 -8.22
CA PHE A 121 -35.65 -24.38 -8.83
C PHE A 121 -34.56 -23.70 -9.65
N THR A 122 -34.95 -22.76 -10.51
CA THR A 122 -33.99 -22.10 -11.37
C THR A 122 -33.00 -21.28 -10.56
N ASN A 123 -33.47 -20.63 -9.49
CA ASN A 123 -32.57 -19.85 -8.65
C ASN A 123 -31.60 -20.74 -7.90
N THR A 124 -31.99 -21.97 -7.55
CA THR A 124 -31.03 -22.93 -7.00
C THR A 124 -30.00 -23.32 -8.06
N PHE A 125 -30.47 -23.58 -9.28
CA PHE A 125 -29.59 -24.03 -10.34
C PHE A 125 -28.52 -22.99 -10.65
N VAL A 126 -28.90 -21.70 -10.67
CA VAL A 126 -27.93 -20.67 -11.01
C VAL A 126 -26.86 -20.55 -9.93
N GLN A 127 -27.24 -20.71 -8.65
CA GLN A 127 -26.23 -20.73 -7.59
C GLN A 127 -25.27 -21.89 -7.78
N LEU A 128 -25.80 -23.08 -8.10
CA LEU A 128 -24.91 -24.20 -8.37
C LEU A 128 -23.91 -23.87 -9.46
N LEU A 129 -24.40 -23.30 -10.57
CA LEU A 129 -23.53 -23.02 -11.69
C LEU A 129 -22.47 -21.97 -11.33
N VAL A 130 -22.85 -20.93 -10.59
CA VAL A 130 -21.89 -19.91 -10.21
C VAL A 130 -20.83 -20.50 -9.29
N PHE A 131 -21.25 -21.38 -8.38
CA PHE A 131 -20.29 -22.07 -7.52
C PHE A 131 -19.25 -22.80 -8.35
N ILE A 132 -19.71 -23.57 -9.34
CA ILE A 132 -18.79 -24.31 -10.20
C ILE A 132 -17.86 -23.35 -10.93
N CYS A 133 -18.41 -22.25 -11.44
CA CYS A 133 -17.61 -21.29 -12.19
C CYS A 133 -16.49 -20.72 -11.33
N ILE A 134 -16.80 -20.34 -10.10
CA ILE A 134 -15.77 -19.76 -9.24
C ILE A 134 -14.72 -20.79 -8.89
N PHE A 135 -15.14 -22.04 -8.65
CA PHE A 135 -14.16 -23.09 -8.37
C PHE A 135 -13.17 -23.23 -9.52
N LEU A 136 -13.68 -23.38 -10.75
CA LEU A 136 -12.79 -23.49 -11.88
C LEU A 136 -11.95 -22.23 -12.06
N PHE A 137 -12.49 -21.08 -11.68
CA PHE A 137 -11.74 -19.84 -11.73
C PHE A 137 -10.49 -19.94 -10.87
N ILE A 138 -10.66 -20.40 -9.64
CA ILE A 138 -9.52 -20.56 -8.73
C ILE A 138 -8.51 -21.54 -9.31
N HIS A 139 -9.01 -22.67 -9.81
CA HIS A 139 -8.11 -23.69 -10.36
C HIS A 139 -7.24 -23.11 -11.48
N PHE A 140 -7.88 -22.48 -12.47
CA PHE A 140 -7.14 -21.93 -13.59
C PHE A 140 -6.21 -20.82 -13.15
N GLY A 141 -6.62 -20.00 -12.18
CA GLY A 141 -5.72 -18.97 -11.69
C GLY A 141 -4.45 -19.54 -11.11
N ILE A 142 -4.58 -20.59 -10.28
CA ILE A 142 -3.40 -21.22 -9.70
C ILE A 142 -2.51 -21.78 -10.81
N ARG A 143 -3.11 -22.49 -11.76
CA ARG A 143 -2.32 -23.11 -12.81
C ARG A 143 -1.56 -22.06 -13.63
N THR A 144 -2.26 -21.00 -14.04
CA THR A 144 -1.61 -19.99 -14.88
C THR A 144 -0.57 -19.20 -14.10
N PHE A 145 -0.78 -18.97 -12.80
CA PHE A 145 0.26 -18.34 -12.00
C PHE A 145 1.50 -19.21 -11.93
N ASN A 146 1.32 -20.52 -11.76
CA ASN A 146 2.47 -21.41 -11.78
C ASN A 146 3.16 -21.40 -13.15
N GLY A 147 2.40 -21.20 -14.22
CA GLY A 147 2.97 -21.24 -15.55
C GLY A 147 3.64 -19.97 -16.04
N ALA A 148 3.54 -18.87 -15.29
CA ALA A 148 4.07 -17.59 -15.76
C ALA A 148 5.59 -17.61 -15.71
N SER A 149 6.24 -17.29 -16.84
CA SER A 149 7.68 -17.33 -16.97
C SER A 149 8.29 -15.98 -17.34
N PHE A 150 7.74 -15.32 -18.36
CA PHE A 150 8.43 -14.18 -18.95
C PHE A 150 8.52 -13.00 -17.99
N PRO A 151 9.50 -12.12 -18.18
CA PRO A 151 9.61 -10.93 -17.34
C PRO A 151 8.84 -9.75 -17.92
N ILE A 152 8.83 -8.66 -17.16
CA ILE A 152 8.14 -7.43 -17.54
C ILE A 152 9.22 -6.42 -17.89
N ASP A 153 9.55 -6.34 -19.18
CA ASP A 153 10.51 -5.34 -19.63
C ASP A 153 9.90 -3.95 -19.49
N ALA A 154 10.77 -2.95 -19.34
CA ALA A 154 10.42 -1.56 -19.12
C ALA A 154 9.96 -1.32 -17.69
N LEU A 155 10.03 -2.31 -16.80
CA LEU A 155 9.68 -2.15 -15.40
C LEU A 155 10.76 -2.74 -14.49
N GLY A 156 11.96 -2.92 -15.00
CA GLY A 156 13.05 -3.48 -14.21
C GLY A 156 13.25 -4.96 -14.34
N GLY A 157 12.63 -5.61 -15.32
CA GLY A 157 12.77 -7.03 -15.50
C GLY A 157 11.96 -7.89 -14.54
N ILE A 158 11.02 -7.28 -13.80
CA ILE A 158 10.22 -8.04 -12.86
C ILE A 158 9.47 -9.15 -13.59
N SER A 159 9.18 -10.23 -12.87
CA SER A 159 8.49 -11.37 -13.44
C SER A 159 7.00 -11.07 -13.63
N GLU A 160 6.41 -11.74 -14.62
CA GLU A 160 4.98 -11.58 -14.89
C GLU A 160 4.11 -12.19 -13.80
N LYS A 161 4.70 -12.97 -12.88
CA LYS A 161 3.92 -13.54 -11.80
C LYS A 161 3.21 -12.46 -10.99
N TRP A 162 3.78 -11.25 -10.95
CA TRP A 162 3.10 -10.15 -10.27
C TRP A 162 1.76 -9.85 -10.93
N ILE A 163 1.72 -9.86 -12.27
CA ILE A 163 0.46 -9.65 -12.97
C ILE A 163 -0.46 -10.85 -12.77
N PHE A 164 0.08 -12.06 -12.91
CA PHE A 164 -0.76 -13.25 -12.93
C PHE A 164 -1.24 -13.68 -11.55
N ALA A 165 -0.69 -13.12 -10.47
CA ALA A 165 -1.10 -13.52 -9.13
C ALA A 165 -2.43 -12.92 -8.69
N ALA A 166 -2.93 -11.91 -9.40
CA ALA A 166 -4.17 -11.26 -8.98
C ALA A 166 -5.36 -12.20 -9.08
N LEU A 167 -5.30 -13.20 -9.96
CA LEU A 167 -6.48 -14.02 -10.22
C LEU A 167 -6.83 -14.91 -9.03
N PRO A 168 -6.02 -15.88 -8.64
CA PRO A 168 -6.43 -16.77 -7.54
C PRO A 168 -6.62 -16.05 -6.21
N VAL A 169 -5.78 -15.05 -5.92
CA VAL A 169 -5.84 -14.38 -4.64
C VAL A 169 -7.22 -13.76 -4.43
N VAL A 170 -7.74 -13.09 -5.45
CA VAL A 170 -9.07 -12.53 -5.36
C VAL A 170 -10.16 -13.57 -5.59
N ALA A 171 -9.84 -14.66 -6.29
CA ALA A 171 -10.85 -15.69 -6.53
C ALA A 171 -11.25 -16.37 -5.22
N ILE A 172 -10.29 -16.57 -4.32
CA ILE A 172 -10.64 -17.12 -3.00
C ILE A 172 -11.62 -16.21 -2.28
N LEU A 173 -11.36 -14.90 -2.32
CA LEU A 173 -12.26 -13.95 -1.67
C LEU A 173 -13.64 -13.97 -2.32
N MET A 174 -13.69 -14.08 -3.65
CA MET A 174 -14.98 -14.20 -4.33
C MET A 174 -15.73 -15.43 -3.86
N MET A 175 -15.02 -16.55 -3.70
CA MET A 175 -15.65 -17.77 -3.23
C MET A 175 -16.24 -17.56 -1.84
N PHE A 176 -15.48 -16.91 -0.96
CA PHE A 176 -15.98 -16.64 0.38
C PHE A 176 -17.22 -15.75 0.34
N ARG A 177 -17.21 -14.72 -0.50
CA ARG A 177 -18.35 -13.82 -0.60
C ARG A 177 -19.58 -14.56 -1.11
N PHE A 178 -19.40 -15.45 -2.07
CA PHE A 178 -20.52 -16.25 -2.56
C PHE A 178 -21.10 -17.11 -1.44
N ILE A 179 -20.23 -17.77 -0.68
CA ILE A 179 -20.72 -18.57 0.44
C ILE A 179 -21.48 -17.70 1.43
N GLN A 180 -20.97 -16.51 1.70
CA GLN A 180 -21.66 -15.59 2.60
C GLN A 180 -23.06 -15.27 2.09
N ALA A 181 -23.16 -14.89 0.81
CA ALA A 181 -24.45 -14.50 0.26
C ALA A 181 -25.44 -15.66 0.26
N GLN A 182 -24.94 -16.89 0.19
CA GLN A 182 -25.86 -18.04 0.18
C GLN A 182 -26.68 -18.10 1.46
N THR A 183 -26.13 -17.63 2.59
CA THR A 183 -26.89 -17.65 3.84
C THR A 183 -28.15 -16.81 3.71
N LEU A 184 -28.01 -15.58 3.21
CA LEU A 184 -29.18 -14.74 3.00
C LEU A 184 -30.10 -15.34 1.96
N ASN A 185 -29.54 -15.90 0.88
CA ASN A 185 -30.39 -16.49 -0.16
C ASN A 185 -31.29 -17.57 0.42
N PHE A 186 -30.74 -18.47 1.23
CA PHE A 186 -31.54 -19.54 1.80
C PHE A 186 -32.45 -19.03 2.91
N LYS A 187 -32.04 -17.97 3.61
CA LYS A 187 -32.83 -17.49 4.75
C LYS A 187 -34.21 -17.01 4.31
N THR A 188 -34.28 -16.29 3.19
CA THR A 188 -35.52 -15.70 2.72
C THR A 188 -36.39 -16.65 1.93
N GLY A 189 -35.95 -17.89 1.71
CA GLY A 189 -36.74 -18.87 0.99
C GLY A 189 -36.60 -18.81 -0.51
N LYS A 190 -35.55 -18.19 -1.03
CA LYS A 190 -35.35 -18.08 -2.47
C LYS A 190 -34.50 -19.20 -3.05
N SER A 191 -33.99 -20.11 -2.23
CA SER A 191 -33.16 -21.21 -2.70
C SER A 191 -33.35 -22.40 -1.77
N TYR A 192 -33.02 -23.59 -2.28
CA TYR A 192 -33.18 -24.83 -1.53
C TYR A 192 -31.91 -25.26 -0.80
N LEU A 193 -30.80 -24.53 -0.94
CA LEU A 193 -29.51 -25.01 -0.46
C LEU A 193 -28.96 -24.07 0.60
N PRO A 194 -28.55 -24.58 1.76
CA PRO A 194 -27.91 -23.72 2.77
C PRO A 194 -26.47 -23.42 2.39
N ALA A 195 -25.76 -22.77 3.32
CA ALA A 195 -24.34 -22.46 3.10
C ALA A 195 -23.45 -23.62 3.51
N THR A 196 -23.87 -24.40 4.51
CA THR A 196 -23.07 -25.54 4.95
C THR A 196 -22.89 -26.54 3.81
N PHE A 197 -23.92 -26.73 3.00
CA PHE A 197 -23.80 -27.60 1.83
C PHE A 197 -22.66 -27.15 0.94
N PHE A 198 -22.60 -25.85 0.64
CA PHE A 198 -21.54 -25.35 -0.23
C PHE A 198 -20.18 -25.45 0.42
N ILE A 199 -20.10 -25.22 1.73
CA ILE A 199 -18.82 -25.35 2.42
C ILE A 199 -18.31 -26.78 2.33
N ILE A 200 -19.19 -27.75 2.60
CA ILE A 200 -18.80 -29.15 2.54
C ILE A 200 -18.37 -29.52 1.13
N SER A 201 -19.14 -29.09 0.12
CA SER A 201 -18.78 -29.41 -1.25
C SER A 201 -17.44 -28.79 -1.62
N ALA A 202 -17.19 -27.55 -1.22
CA ALA A 202 -15.92 -26.92 -1.52
C ALA A 202 -14.76 -27.66 -0.88
N VAL A 203 -14.92 -28.09 0.38
CA VAL A 203 -13.85 -28.82 1.05
C VAL A 203 -13.56 -30.13 0.32
N ILE A 204 -14.62 -30.86 -0.03
CA ILE A 204 -14.41 -32.14 -0.72
C ILE A 204 -13.74 -31.92 -2.06
N LEU A 205 -14.19 -30.90 -2.81
CA LEU A 205 -13.61 -30.65 -4.13
C LEU A 205 -12.15 -30.25 -4.02
N PHE A 206 -11.80 -29.42 -3.05
CA PHE A 206 -10.40 -29.04 -2.88
C PHE A 206 -9.55 -30.25 -2.50
N ALA A 207 -10.06 -31.11 -1.61
CA ALA A 207 -9.32 -32.30 -1.23
C ALA A 207 -9.05 -33.17 -2.46
N ILE A 208 -10.08 -33.39 -3.28
CA ILE A 208 -9.87 -34.19 -4.49
C ILE A 208 -8.85 -33.51 -5.39
N LEU A 209 -9.02 -32.21 -5.64
CA LEU A 209 -8.13 -31.51 -6.55
C LEU A 209 -6.68 -31.64 -6.11
N PHE A 210 -6.43 -31.59 -4.81
CA PHE A 210 -5.06 -31.57 -4.32
C PHE A 210 -4.47 -32.94 -4.05
N PHE A 211 -5.30 -34.00 -3.94
CA PHE A 211 -4.76 -35.32 -3.59
C PHE A 211 -5.04 -36.41 -4.61
N ALA A 212 -5.92 -36.19 -5.59
CA ALA A 212 -6.16 -37.19 -6.63
C ALA A 212 -6.85 -36.53 -7.80
N PRO A 213 -6.20 -35.57 -8.47
CA PRO A 213 -6.86 -34.87 -9.59
C PRO A 213 -7.22 -35.78 -10.75
N ASP A 214 -6.55 -36.93 -10.89
CA ASP A 214 -6.85 -37.83 -11.99
C ASP A 214 -8.29 -38.35 -11.94
N TRP A 215 -9.02 -38.09 -10.87
CA TRP A 215 -10.41 -38.54 -10.78
C TRP A 215 -11.33 -37.72 -11.67
N PHE A 216 -11.01 -36.43 -11.87
CA PHE A 216 -11.89 -35.56 -12.65
C PHE A 216 -11.98 -35.98 -14.11
N LYS A 217 -11.08 -36.85 -14.57
CA LYS A 217 -11.10 -37.30 -15.96
C LYS A 217 -12.35 -38.08 -16.31
N VAL A 218 -13.28 -38.28 -15.37
CA VAL A 218 -14.57 -38.88 -15.69
C VAL A 218 -15.60 -37.82 -16.09
N LEU A 219 -15.28 -36.54 -15.95
CA LEU A 219 -16.17 -35.45 -16.34
C LEU A 219 -15.85 -34.92 -17.73
N ARG A 220 -15.27 -35.76 -18.60
CA ARG A 220 -14.95 -35.39 -19.97
C ARG A 220 -15.99 -35.99 -20.89
N ILE A 221 -16.87 -35.14 -21.43
CA ILE A 221 -17.97 -35.62 -22.26
C ILE A 221 -17.48 -36.43 -23.44
N SER A 222 -16.24 -36.21 -23.89
CA SER A 222 -15.71 -36.93 -25.03
C SER A 222 -15.53 -38.42 -24.76
N ASN A 223 -15.57 -38.85 -23.49
CA ASN A 223 -15.47 -40.27 -23.20
C ASN A 223 -16.69 -41.03 -23.72
N TYR A 224 -17.88 -40.45 -23.58
CA TYR A 224 -19.13 -41.17 -23.77
C TYR A 224 -19.71 -40.99 -25.17
N ILE A 225 -19.58 -39.81 -25.76
CA ILE A 225 -20.12 -39.53 -27.09
C ILE A 225 -19.19 -38.56 -27.80
N LYS A 226 -18.93 -38.83 -29.07
CA LYS A 226 -18.09 -37.98 -29.92
C LYS A 226 -19.01 -37.22 -30.87
N LEU A 227 -19.40 -36.00 -30.47
CA LEU A 227 -20.31 -35.21 -31.29
C LEU A 227 -19.65 -34.77 -32.58
N GLY A 228 -18.40 -34.35 -32.53
CA GLY A 228 -17.72 -33.91 -33.75
C GLY A 228 -17.92 -32.43 -33.99
N SER A 229 -18.24 -32.09 -35.24
CA SER A 229 -18.39 -30.69 -35.62
C SER A 229 -19.58 -30.03 -34.95
N SER A 230 -20.55 -30.80 -34.46
CA SER A 230 -21.73 -30.25 -33.83
C SER A 230 -21.49 -29.82 -32.39
N SER A 231 -20.25 -29.97 -31.89
CA SER A 231 -19.97 -29.60 -30.51
C SER A 231 -20.21 -28.12 -30.28
N VAL A 232 -19.76 -27.27 -31.21
CA VAL A 232 -19.94 -25.84 -31.04
C VAL A 232 -21.41 -25.47 -31.07
N TYR A 233 -22.19 -26.09 -31.96
CA TYR A 233 -23.61 -25.79 -32.03
C TYR A 233 -24.32 -26.20 -30.74
N VAL A 234 -24.00 -27.39 -30.22
CA VAL A 234 -24.61 -27.83 -28.97
C VAL A 234 -24.24 -26.88 -27.84
N ALA A 235 -22.98 -26.46 -27.79
CA ALA A 235 -22.54 -25.54 -26.75
C ALA A 235 -23.31 -24.22 -26.83
N LEU A 236 -23.49 -23.69 -28.04
CA LEU A 236 -24.23 -22.45 -28.19
C LEU A 236 -25.69 -22.61 -27.79
N LEU A 237 -26.31 -23.74 -28.15
CA LEU A 237 -27.69 -23.97 -27.78
C LEU A 237 -27.86 -23.99 -26.26
N VAL A 238 -27.01 -24.75 -25.57
CA VAL A 238 -27.11 -24.80 -24.11
C VAL A 238 -26.76 -23.44 -23.52
N TRP A 239 -25.86 -22.69 -24.15
CA TRP A 239 -25.55 -21.35 -23.70
C TRP A 239 -26.80 -20.48 -23.67
N LEU A 240 -27.55 -20.47 -24.79
CA LEU A 240 -28.79 -19.71 -24.82
C LEU A 240 -29.76 -20.21 -23.75
N ILE A 241 -29.92 -21.52 -23.65
CA ILE A 241 -30.91 -22.07 -22.73
C ILE A 241 -30.61 -21.63 -21.30
N ILE A 242 -29.35 -21.76 -20.87
CA ILE A 242 -29.02 -21.38 -19.50
C ILE A 242 -29.08 -19.87 -19.33
N MET A 243 -28.78 -19.10 -20.37
CA MET A 243 -28.85 -17.65 -20.25
C MET A 243 -30.28 -17.19 -19.99
N PHE A 244 -31.25 -17.81 -20.65
CA PHE A 244 -32.62 -17.33 -20.53
C PHE A 244 -33.22 -17.60 -19.15
N ILE A 245 -32.79 -18.65 -18.47
CA ILE A 245 -33.38 -19.01 -17.19
C ILE A 245 -32.86 -18.10 -16.09
N GLY A 246 -31.96 -17.18 -16.43
CA GLY A 246 -31.53 -16.15 -15.50
C GLY A 246 -30.07 -16.20 -15.10
N VAL A 247 -29.25 -17.10 -15.64
CA VAL A 247 -27.83 -17.09 -15.30
C VAL A 247 -27.19 -15.82 -15.84
N PRO A 248 -26.27 -15.19 -15.10
CA PRO A 248 -25.63 -13.98 -15.65
C PRO A 248 -24.86 -14.28 -16.93
N VAL A 249 -24.75 -13.26 -17.78
CA VAL A 249 -24.07 -13.42 -19.06
C VAL A 249 -22.62 -13.82 -18.84
N GLY A 250 -21.94 -13.15 -17.91
CA GLY A 250 -20.52 -13.38 -17.71
C GLY A 250 -20.22 -14.82 -17.34
N TRP A 251 -21.09 -15.44 -16.54
CA TRP A 251 -20.87 -16.84 -16.18
C TRP A 251 -21.32 -17.78 -17.29
N SER A 252 -22.36 -17.43 -18.03
CA SER A 252 -22.86 -18.32 -19.08
C SER A 252 -21.86 -18.45 -20.22
N LEU A 253 -21.17 -17.36 -20.57
CA LEU A 253 -20.14 -17.47 -21.60
C LEU A 253 -19.04 -18.43 -21.18
N PHE A 254 -18.59 -18.31 -19.92
CA PHE A 254 -17.58 -19.22 -19.40
C PHE A 254 -18.06 -20.66 -19.43
N ILE A 255 -19.30 -20.89 -19.02
CA ILE A 255 -19.85 -22.26 -19.00
C ILE A 255 -19.88 -22.82 -20.41
N ALA A 256 -20.31 -22.03 -21.39
CA ALA A 256 -20.36 -22.50 -22.76
C ALA A 256 -18.97 -22.88 -23.27
N THR A 257 -17.98 -22.03 -23.01
CA THR A 257 -16.63 -22.34 -23.45
C THR A 257 -16.11 -23.62 -22.81
N LEU A 258 -16.34 -23.77 -21.50
CA LEU A 258 -15.88 -24.98 -20.82
C LEU A 258 -16.55 -26.22 -21.37
N LEU A 259 -17.86 -26.14 -21.65
CA LEU A 259 -18.55 -27.29 -22.22
C LEU A 259 -17.98 -27.64 -23.59
N TYR A 260 -17.72 -26.62 -24.42
CA TYR A 260 -17.14 -26.90 -25.73
C TYR A 260 -15.81 -27.63 -25.59
N PHE A 261 -14.93 -27.13 -24.71
CA PHE A 261 -13.62 -27.75 -24.58
C PHE A 261 -13.75 -29.18 -24.04
N SER A 262 -14.62 -29.39 -23.06
CA SER A 262 -14.81 -30.74 -22.52
C SER A 262 -15.38 -31.69 -23.57
N MET A 263 -16.18 -31.17 -24.49
CA MET A 263 -16.81 -32.02 -25.51
C MET A 263 -15.81 -32.56 -26.52
N THR A 264 -14.67 -31.89 -26.74
CA THR A 264 -13.75 -32.25 -27.80
C THR A 264 -12.38 -32.70 -27.29
N ARG A 265 -11.66 -31.86 -26.56
CA ARG A 265 -10.35 -32.22 -26.03
C ARG A 265 -10.00 -31.23 -24.93
N TRP A 266 -9.89 -31.72 -23.70
CA TRP A 266 -9.87 -30.83 -22.55
C TRP A 266 -8.55 -30.06 -22.44
N ASN A 267 -7.43 -30.73 -22.64
CA ASN A 267 -6.13 -30.18 -22.27
C ASN A 267 -5.81 -28.91 -23.04
N VAL A 268 -6.58 -28.62 -24.09
CA VAL A 268 -6.37 -27.39 -24.85
C VAL A 268 -6.81 -26.14 -24.10
N VAL A 269 -7.55 -26.29 -22.99
CA VAL A 269 -8.03 -25.12 -22.26
C VAL A 269 -6.88 -24.34 -21.67
N ASN A 270 -5.77 -25.00 -21.37
CA ASN A 270 -4.65 -24.34 -20.70
C ASN A 270 -4.05 -23.25 -21.57
N ALA A 271 -3.97 -23.48 -22.88
CA ALA A 271 -3.45 -22.47 -23.78
C ALA A 271 -4.33 -21.23 -23.78
N ALA A 272 -5.65 -21.42 -23.76
CA ALA A 272 -6.58 -20.30 -23.87
C ALA A 272 -6.77 -19.58 -22.53
N THR A 273 -6.49 -20.23 -21.41
CA THR A 273 -6.80 -19.63 -20.12
C THR A 273 -5.99 -18.37 -19.83
N GLU A 274 -4.91 -18.11 -20.57
CA GLU A 274 -4.11 -16.91 -20.28
C GLU A 274 -4.83 -15.63 -20.68
N LYS A 275 -5.73 -15.72 -21.66
CA LYS A 275 -6.47 -14.53 -22.08
C LYS A 275 -7.29 -13.96 -20.95
N LEU A 276 -7.78 -14.81 -20.04
CA LEU A 276 -8.57 -14.32 -18.91
C LEU A 276 -7.84 -13.21 -18.17
N VAL A 277 -6.53 -13.36 -17.98
CA VAL A 277 -5.73 -12.36 -17.28
C VAL A 277 -5.22 -11.29 -18.25
N TYR A 278 -4.80 -11.70 -19.45
CA TYR A 278 -4.23 -10.72 -20.37
C TYR A 278 -5.25 -9.70 -20.85
N SER A 279 -6.55 -10.01 -20.76
CA SER A 279 -7.56 -9.07 -21.25
C SER A 279 -7.58 -7.79 -20.43
N LEU A 280 -7.49 -7.91 -19.10
CA LEU A 280 -7.54 -6.73 -18.24
C LEU A 280 -6.27 -5.89 -18.32
N ASP A 281 -5.14 -6.49 -18.68
CA ASP A 281 -3.88 -5.76 -18.82
C ASP A 281 -3.88 -5.00 -20.15
N SER A 282 -4.81 -4.06 -20.27
CA SER A 282 -5.02 -3.29 -21.48
C SER A 282 -5.11 -1.82 -21.13
N PHE A 283 -4.45 -0.98 -21.92
CA PHE A 283 -4.41 0.45 -21.65
C PHE A 283 -5.71 1.12 -22.11
N PRO A 284 -6.22 0.82 -23.32
CA PRO A 284 -7.49 1.42 -23.72
C PRO A 284 -8.62 1.15 -22.76
N LEU A 285 -8.67 -0.06 -22.19
CA LEU A 285 -9.73 -0.40 -21.24
C LEU A 285 -9.65 0.44 -19.97
N LEU A 286 -8.50 1.06 -19.70
CA LEU A 286 -8.32 1.82 -18.47
C LEU A 286 -9.11 3.12 -18.44
N ALA A 287 -9.68 3.55 -19.57
CA ALA A 287 -10.37 4.82 -19.63
C ALA A 287 -11.79 4.75 -19.09
N VAL A 288 -12.33 3.55 -18.89
CA VAL A 288 -13.71 3.39 -18.44
C VAL A 288 -13.89 3.97 -17.04
N PRO A 289 -13.15 3.49 -16.04
CA PRO A 289 -13.39 3.98 -14.67
C PRO A 289 -13.21 5.48 -14.54
N PHE A 290 -12.28 6.08 -15.26
CA PHE A 290 -12.04 7.51 -15.11
C PHE A 290 -13.14 8.33 -15.76
N TYR A 291 -13.68 7.88 -16.90
CA TYR A 291 -14.84 8.55 -17.46
C TYR A 291 -16.03 8.43 -16.52
N ILE A 292 -16.22 7.26 -15.91
CA ILE A 292 -17.32 7.09 -14.96
C ILE A 292 -17.14 8.03 -13.78
N LEU A 293 -15.91 8.14 -13.27
CA LEU A 293 -15.65 9.03 -12.15
C LEU A 293 -15.91 10.49 -12.54
N THR A 294 -15.51 10.88 -13.74
CA THR A 294 -15.78 12.24 -14.19
C THR A 294 -17.28 12.50 -14.24
N GLY A 295 -18.05 11.56 -14.77
CA GLY A 295 -19.49 11.72 -14.80
C GLY A 295 -20.08 11.85 -13.40
N ILE A 296 -19.64 11.00 -12.49
CA ILE A 296 -20.16 11.03 -11.12
C ILE A 296 -19.86 12.37 -10.48
N LEU A 297 -18.62 12.84 -10.62
CA LEU A 297 -18.24 14.12 -10.02
C LEU A 297 -19.04 15.27 -10.61
N MET A 298 -19.21 15.29 -11.93
CA MET A 298 -19.90 16.40 -12.57
C MET A 298 -21.41 16.33 -12.37
N ASN A 299 -21.94 15.18 -11.95
CA ASN A 299 -23.38 15.04 -11.76
C ASN A 299 -23.87 15.59 -10.43
N THR A 300 -23.09 16.42 -9.75
CA THR A 300 -23.54 17.00 -8.49
C THR A 300 -24.67 17.99 -8.75
N GLY A 301 -25.43 18.29 -7.70
CA GLY A 301 -26.58 19.16 -7.85
C GLY A 301 -26.22 20.57 -8.26
N GLY A 302 -25.13 21.11 -7.70
CA GLY A 302 -24.79 22.50 -7.96
C GLY A 302 -24.45 22.75 -9.42
N ILE A 303 -23.62 21.90 -10.00
CA ILE A 303 -23.17 22.12 -11.38
C ILE A 303 -24.34 22.05 -12.34
N THR A 304 -25.18 21.03 -12.19
CA THR A 304 -26.32 20.86 -13.07
C THR A 304 -27.24 22.08 -13.01
N GLU A 305 -27.40 22.66 -11.82
CA GLU A 305 -28.23 23.85 -11.71
C GLU A 305 -27.69 24.99 -12.55
N ARG A 306 -26.37 25.22 -12.49
CA ARG A 306 -25.76 26.28 -13.28
C ARG A 306 -25.93 26.03 -14.76
N ILE A 307 -25.66 24.80 -15.20
CA ILE A 307 -25.75 24.48 -16.63
C ILE A 307 -27.17 24.69 -17.12
N PHE A 308 -28.16 24.19 -16.36
CA PHE A 308 -29.55 24.33 -16.78
C PHE A 308 -29.97 25.79 -16.78
N ASN A 309 -29.52 26.57 -15.80
CA ASN A 309 -29.87 27.99 -15.78
C ASN A 309 -29.34 28.70 -17.02
N PHE A 310 -28.09 28.40 -17.40
CA PHE A 310 -27.55 28.99 -18.61
C PHE A 310 -28.35 28.59 -19.83
N ALA A 311 -28.66 27.30 -19.95
CA ALA A 311 -29.40 26.84 -21.13
C ALA A 311 -30.77 27.51 -21.20
N LYS A 312 -31.45 27.63 -20.07
CA LYS A 312 -32.75 28.29 -20.04
C LYS A 312 -32.64 29.75 -20.43
N ALA A 313 -31.64 30.45 -19.89
CA ALA A 313 -31.47 31.85 -20.26
C ALA A 313 -31.16 32.01 -21.74
N LEU A 314 -30.58 30.98 -22.36
CA LEU A 314 -30.17 31.10 -23.75
C LEU A 314 -31.33 30.77 -24.70
N LEU A 315 -31.89 29.57 -24.59
CA LEU A 315 -32.80 29.02 -25.60
C LEU A 315 -34.28 29.14 -25.21
N GLY A 316 -34.62 29.89 -24.18
CA GLY A 316 -35.93 29.78 -23.58
C GLY A 316 -37.05 30.55 -24.23
N HIS A 317 -36.78 31.41 -25.21
CA HIS A 317 -37.78 32.37 -25.69
C HIS A 317 -38.29 32.05 -27.09
N TYR A 318 -38.08 30.84 -27.59
CA TYR A 318 -38.43 30.48 -28.95
C TYR A 318 -39.62 29.55 -29.00
N THR A 319 -40.28 29.51 -30.15
CA THR A 319 -41.37 28.56 -30.38
C THR A 319 -40.85 27.15 -30.18
N GLY A 320 -41.32 26.49 -29.13
CA GLY A 320 -40.76 25.22 -28.71
C GLY A 320 -40.03 25.38 -27.39
N GLY A 321 -39.30 26.47 -27.24
CA GLY A 321 -38.85 26.92 -25.94
C GLY A 321 -38.22 25.86 -25.07
N MET A 322 -38.94 25.49 -24.00
CA MET A 322 -38.39 24.58 -23.01
C MET A 322 -37.94 23.26 -23.61
N GLY A 323 -38.56 22.83 -24.71
CA GLY A 323 -38.06 21.66 -25.41
C GLY A 323 -36.66 21.88 -25.93
N HIS A 324 -36.43 23.02 -26.57
CA HIS A 324 -35.09 23.37 -27.02
C HIS A 324 -34.14 23.45 -25.84
N VAL A 325 -34.60 24.02 -24.72
CA VAL A 325 -33.76 24.14 -23.54
C VAL A 325 -33.32 22.76 -23.05
N ASN A 326 -34.27 21.83 -22.97
CA ASN A 326 -33.97 20.48 -22.51
C ASN A 326 -32.99 19.79 -23.45
N ILE A 327 -33.22 19.91 -24.75
CA ILE A 327 -32.33 19.26 -25.71
C ILE A 327 -30.92 19.84 -25.61
N GLY A 328 -30.82 21.16 -25.48
CA GLY A 328 -29.50 21.79 -25.35
C GLY A 328 -28.78 21.37 -24.09
N ALA A 329 -29.52 21.29 -22.97
CA ALA A 329 -28.90 20.85 -21.72
C ALA A 329 -28.41 19.42 -21.84
N SER A 330 -29.20 18.54 -22.46
CA SER A 330 -28.77 17.17 -22.66
C SER A 330 -27.52 17.11 -23.53
N LEU A 331 -27.48 17.90 -24.60
CA LEU A 331 -26.31 17.92 -25.46
C LEU A 331 -25.08 18.39 -24.68
N LEU A 332 -25.24 19.44 -23.87
CA LEU A 332 -24.11 19.93 -23.09
C LEU A 332 -23.61 18.86 -22.13
N PHE A 333 -24.52 18.18 -21.44
CA PHE A 333 -24.10 17.15 -20.49
C PHE A 333 -23.54 15.91 -21.18
N SER A 334 -23.85 15.72 -22.46
CA SER A 334 -23.33 14.57 -23.18
C SER A 334 -21.80 14.61 -23.24
N GLY A 335 -21.22 15.79 -23.45
CA GLY A 335 -19.79 15.91 -23.59
C GLY A 335 -18.99 15.43 -22.39
N MET A 336 -19.61 15.41 -21.21
CA MET A 336 -18.96 14.90 -20.00
C MET A 336 -19.45 13.52 -19.61
N SER A 337 -20.76 13.28 -19.64
CA SER A 337 -21.30 11.99 -19.26
C SER A 337 -21.07 10.96 -20.36
N GLY A 338 -20.82 9.73 -19.95
CA GLY A 338 -20.66 8.61 -20.85
C GLY A 338 -21.85 7.68 -20.94
N SER A 339 -22.99 8.05 -20.36
CA SER A 339 -24.16 7.19 -20.36
C SER A 339 -25.41 8.06 -20.40
N ALA A 340 -26.52 7.44 -20.81
CA ALA A 340 -27.78 8.14 -21.01
C ALA A 340 -28.62 8.17 -19.73
N LEU A 341 -28.77 7.02 -19.07
CA LEU A 341 -29.63 6.95 -17.90
C LEU A 341 -29.17 7.91 -16.80
N ALA A 342 -27.86 8.13 -16.68
CA ALA A 342 -27.36 9.08 -15.70
C ALA A 342 -27.90 10.48 -15.99
N ASP A 343 -27.84 10.90 -17.25
CA ASP A 343 -28.38 12.20 -17.62
C ASP A 343 -29.89 12.25 -17.39
N ALA A 344 -30.59 11.17 -17.74
CA ALA A 344 -32.04 11.16 -17.58
C ALA A 344 -32.44 11.31 -16.13
N GLY A 345 -31.74 10.61 -15.23
CA GLY A 345 -32.06 10.64 -13.81
C GLY A 345 -31.45 11.79 -13.05
N GLY A 346 -30.50 12.51 -13.63
CA GLY A 346 -29.86 13.61 -12.92
C GLY A 346 -30.40 14.97 -13.25
N LEU A 347 -31.28 15.06 -14.26
CA LEU A 347 -31.78 16.34 -14.74
C LEU A 347 -33.29 16.39 -14.93
N GLY A 348 -33.97 15.25 -15.02
CA GLY A 348 -35.39 15.28 -15.34
C GLY A 348 -36.21 16.09 -14.34
N GLN A 349 -35.92 15.94 -13.05
CA GLN A 349 -36.68 16.64 -12.03
C GLN A 349 -36.71 18.14 -12.29
N LEU A 350 -35.62 18.69 -12.81
CA LEU A 350 -35.55 20.13 -13.06
C LEU A 350 -36.20 20.52 -14.37
N GLU A 351 -35.90 19.80 -15.45
CA GLU A 351 -36.42 20.15 -16.77
C GLU A 351 -37.94 20.01 -16.82
N ILE A 352 -38.46 18.88 -16.34
CA ILE A 352 -39.88 18.59 -16.46
C ILE A 352 -40.71 19.65 -15.76
N LYS A 353 -40.23 20.16 -14.63
CA LYS A 353 -40.95 21.23 -13.94
C LYS A 353 -41.13 22.43 -14.86
N ALA A 354 -40.04 22.86 -15.51
CA ALA A 354 -40.12 24.02 -16.40
C ALA A 354 -41.05 23.76 -17.56
N MET A 355 -40.93 22.59 -18.20
CA MET A 355 -41.78 22.33 -19.36
C MET A 355 -43.26 22.26 -18.95
N ARG A 356 -43.56 21.60 -17.82
CA ARG A 356 -44.94 21.53 -17.35
C ARG A 356 -45.49 22.92 -17.05
N ASP A 357 -44.69 23.75 -16.37
CA ASP A 357 -45.15 25.09 -16.03
C ASP A 357 -45.37 25.94 -17.27
N ALA A 358 -44.55 25.73 -18.30
CA ALA A 358 -44.67 26.52 -19.52
C ALA A 358 -46.03 26.34 -20.18
N GLY A 359 -46.63 25.16 -20.06
CA GLY A 359 -47.90 24.88 -20.72
C GLY A 359 -47.85 23.62 -21.56
N TYR A 360 -46.85 22.78 -21.31
CA TYR A 360 -46.67 21.54 -22.05
C TYR A 360 -47.45 20.42 -21.38
N ASP A 361 -48.04 19.56 -22.20
CA ASP A 361 -48.73 18.40 -21.66
C ASP A 361 -47.73 17.46 -20.99
N ASP A 362 -48.27 16.51 -20.24
CA ASP A 362 -47.40 15.57 -19.52
C ASP A 362 -46.78 14.55 -20.46
N ASP A 363 -47.55 14.03 -21.41
CA ASP A 363 -47.03 13.01 -22.31
C ASP A 363 -45.91 13.57 -23.18
N ILE A 364 -46.08 14.78 -23.71
CA ILE A 364 -45.05 15.37 -24.55
C ILE A 364 -43.78 15.63 -23.75
N CYS A 365 -43.92 16.17 -22.53
CA CYS A 365 -42.74 16.44 -21.72
C CYS A 365 -42.01 15.14 -21.38
N GLY A 366 -42.76 14.10 -21.01
CA GLY A 366 -42.13 12.82 -20.76
C GLY A 366 -41.43 12.27 -21.98
N GLY A 367 -42.06 12.41 -23.15
CA GLY A 367 -41.42 11.92 -24.37
C GLY A 367 -40.13 12.66 -24.69
N ILE A 368 -40.16 13.99 -24.56
CA ILE A 368 -38.95 14.77 -24.81
C ILE A 368 -37.85 14.36 -23.85
N THR A 369 -38.18 14.23 -22.56
CA THR A 369 -37.17 13.89 -21.57
C THR A 369 -36.59 12.50 -21.86
N ALA A 370 -37.43 11.54 -22.23
CA ALA A 370 -36.93 10.20 -22.52
C ALA A 370 -36.08 10.19 -23.78
N ALA A 371 -36.49 10.92 -24.81
CA ALA A 371 -35.80 10.84 -26.10
C ALA A 371 -34.47 11.57 -26.06
N SER A 372 -34.39 12.70 -25.35
CA SER A 372 -33.16 13.48 -25.35
C SER A 372 -32.00 12.78 -24.65
N CYS A 373 -32.27 11.69 -23.93
CA CYS A 373 -31.23 11.05 -23.14
C CYS A 373 -30.24 10.24 -23.98
N ILE A 374 -30.62 9.85 -25.20
CA ILE A 374 -29.74 9.00 -26.01
C ILE A 374 -28.60 9.77 -26.65
N ILE A 375 -28.50 11.07 -26.42
CA ILE A 375 -27.37 11.83 -26.98
C ILE A 375 -26.07 11.44 -26.29
N GLY A 376 -26.12 11.16 -24.99
CA GLY A 376 -24.92 10.95 -24.21
C GLY A 376 -24.05 9.81 -24.71
N PRO A 377 -24.64 8.64 -24.95
CA PRO A 377 -23.84 7.50 -25.44
C PRO A 377 -23.27 7.70 -26.83
N LEU A 378 -23.78 8.65 -27.61
CA LEU A 378 -23.31 8.86 -28.98
C LEU A 378 -22.23 9.92 -29.07
N VAL A 379 -22.46 11.10 -28.50
CA VAL A 379 -21.42 12.12 -28.48
C VAL A 379 -20.28 11.67 -27.58
N PRO A 380 -19.02 11.67 -28.03
CA PRO A 380 -17.95 11.14 -27.20
C PRO A 380 -17.72 12.04 -26.00
N PRO A 381 -17.25 11.48 -24.87
CA PRO A 381 -16.89 10.07 -24.65
C PRO A 381 -18.10 9.16 -24.49
N SER A 382 -17.94 7.86 -24.70
CA SER A 382 -19.05 6.92 -24.60
C SER A 382 -18.50 5.56 -24.20
N ILE A 383 -19.14 4.92 -23.22
CA ILE A 383 -18.67 3.62 -22.76
C ILE A 383 -18.93 2.56 -23.83
N ALA A 384 -20.04 2.67 -24.54
CA ALA A 384 -20.37 1.66 -25.55
C ALA A 384 -19.31 1.60 -26.64
N MET A 385 -18.84 2.76 -27.10
CA MET A 385 -17.81 2.77 -28.12
C MET A 385 -16.51 2.19 -27.60
N ILE A 386 -16.18 2.45 -26.33
CA ILE A 386 -14.97 1.87 -25.75
C ILE A 386 -15.07 0.36 -25.72
N ILE A 387 -16.23 -0.16 -25.31
CA ILE A 387 -16.40 -1.62 -25.27
C ILE A 387 -16.29 -2.20 -26.67
N TYR A 388 -16.93 -1.56 -27.65
CA TYR A 388 -16.85 -2.08 -29.02
C TYR A 388 -15.42 -2.08 -29.52
N GLY A 389 -14.68 -0.99 -29.26
CA GLY A 389 -13.30 -0.94 -29.72
C GLY A 389 -12.43 -1.98 -29.05
N VAL A 390 -12.65 -2.22 -27.75
CA VAL A 390 -11.88 -3.25 -27.05
C VAL A 390 -12.18 -4.62 -27.64
N ILE A 391 -13.46 -4.90 -27.92
CA ILE A 391 -13.82 -6.22 -28.43
C ILE A 391 -13.29 -6.41 -29.85
N ALA A 392 -13.35 -5.36 -30.67
CA ALA A 392 -12.99 -5.45 -32.08
C ALA A 392 -11.56 -5.00 -32.36
N ASN A 393 -10.80 -4.62 -31.34
CA ASN A 393 -9.42 -4.19 -31.47
C ASN A 393 -9.26 -2.93 -32.31
N GLU A 394 -10.34 -2.18 -32.51
CA GLU A 394 -10.27 -0.93 -33.26
C GLU A 394 -9.82 0.21 -32.34
N SER A 395 -9.31 1.27 -32.97
CA SER A 395 -8.82 2.42 -32.22
C SER A 395 -9.99 3.23 -31.69
N ILE A 396 -9.93 3.58 -30.41
CA ILE A 396 -11.04 4.29 -29.77
C ILE A 396 -11.18 5.69 -30.36
N ALA A 397 -10.06 6.33 -30.70
CA ALA A 397 -10.11 7.71 -31.18
C ALA A 397 -10.91 7.81 -32.48
N LYS A 398 -10.69 6.88 -33.41
CA LYS A 398 -11.43 6.92 -34.66
C LYS A 398 -12.93 6.73 -34.42
N LEU A 399 -13.29 5.82 -33.52
CA LEU A 399 -14.71 5.63 -33.21
C LEU A 399 -15.30 6.90 -32.60
N PHE A 400 -14.58 7.53 -31.68
CA PHE A 400 -15.08 8.76 -31.07
C PHE A 400 -15.29 9.84 -32.11
N ILE A 401 -14.34 10.00 -33.04
CA ILE A 401 -14.47 11.02 -34.06
C ILE A 401 -15.62 10.69 -35.01
N ALA A 402 -15.80 9.41 -35.32
CA ALA A 402 -16.84 9.02 -36.27
C ALA A 402 -18.23 9.18 -35.68
N GLY A 403 -18.39 8.95 -34.38
CA GLY A 403 -19.70 9.02 -33.76
C GLY A 403 -20.18 10.41 -33.44
N PHE A 404 -19.41 11.45 -33.77
CA PHE A 404 -19.82 12.80 -33.45
C PHE A 404 -20.95 13.28 -34.35
N ILE A 405 -20.84 13.03 -35.65
CA ILE A 405 -21.82 13.58 -36.60
C ILE A 405 -23.22 13.07 -36.31
N PRO A 406 -23.47 11.78 -36.11
CA PRO A 406 -24.82 11.35 -35.75
C PRO A 406 -25.35 12.03 -34.51
N GLY A 407 -24.47 12.30 -33.53
CA GLY A 407 -24.91 12.97 -32.31
C GLY A 407 -25.38 14.39 -32.55
N VAL A 408 -25.02 14.97 -33.69
CA VAL A 408 -25.50 16.30 -34.03
C VAL A 408 -26.71 16.22 -34.95
N LEU A 409 -26.74 15.26 -35.87
CA LEU A 409 -27.92 15.08 -36.70
C LEU A 409 -29.14 14.76 -35.86
N ILE A 410 -28.98 13.87 -34.87
CA ILE A 410 -30.10 13.52 -34.01
C ILE A 410 -30.61 14.74 -33.26
N THR A 411 -29.69 15.55 -32.74
CA THR A 411 -30.08 16.75 -32.00
C THR A 411 -30.86 17.71 -32.88
N LEU A 412 -30.37 17.96 -34.09
CA LEU A 412 -31.08 18.87 -34.99
C LEU A 412 -32.45 18.33 -35.34
N ALA A 413 -32.55 17.03 -35.61
CA ALA A 413 -33.85 16.45 -35.94
C ALA A 413 -34.82 16.56 -34.76
N LEU A 414 -34.34 16.32 -33.55
CA LEU A 414 -35.20 16.46 -32.38
C LEU A 414 -35.69 17.89 -32.22
N MET A 415 -34.80 18.86 -32.42
CA MET A 415 -35.24 20.26 -32.34
C MET A 415 -36.30 20.56 -33.38
N ALA A 416 -36.14 20.06 -34.61
CA ALA A 416 -37.13 20.29 -35.64
C ALA A 416 -38.48 19.69 -35.25
N MET A 417 -38.47 18.46 -34.75
CA MET A 417 -39.74 17.82 -34.41
C MET A 417 -40.42 18.51 -33.23
N ASN A 418 -39.64 18.92 -32.23
CA ASN A 418 -40.21 19.63 -31.09
C ASN A 418 -40.82 20.96 -31.53
N TYR A 419 -40.13 21.68 -32.43
CA TYR A 419 -40.71 22.90 -32.98
C TYR A 419 -42.03 22.62 -33.67
N ARG A 420 -42.07 21.57 -34.50
CA ARG A 420 -43.30 21.25 -35.22
C ARG A 420 -44.45 20.96 -34.26
N ILE A 421 -44.18 20.15 -33.23
CA ILE A 421 -45.24 19.78 -32.30
C ILE A 421 -45.72 21.01 -31.53
N ALA A 422 -44.79 21.82 -31.02
CA ALA A 422 -45.19 22.99 -30.25
C ALA A 422 -46.00 23.96 -31.11
N LYS A 423 -45.59 24.16 -32.36
CA LYS A 423 -46.36 25.04 -33.23
C LYS A 423 -47.75 24.48 -33.49
N LYS A 424 -47.85 23.17 -33.73
CA LYS A 424 -49.14 22.57 -34.03
C LYS A 424 -50.10 22.70 -32.86
N ARG A 425 -49.61 22.45 -31.64
CA ARG A 425 -50.50 22.43 -30.48
C ARG A 425 -50.77 23.81 -29.90
N GLY A 426 -50.18 24.86 -30.47
CA GLY A 426 -50.50 26.21 -30.04
C GLY A 426 -50.08 26.56 -28.63
N TYR A 427 -48.87 26.18 -28.22
CA TYR A 427 -48.35 26.62 -26.94
C TYR A 427 -47.93 28.08 -27.03
N PRO A 428 -47.83 28.78 -25.91
CA PRO A 428 -47.38 30.18 -25.92
C PRO A 428 -45.86 30.28 -25.92
N ARG A 429 -45.39 31.53 -26.02
CA ARG A 429 -43.97 31.82 -25.99
C ARG A 429 -43.60 32.52 -24.69
N THR A 430 -42.50 32.08 -24.07
CA THR A 430 -42.03 32.71 -22.85
C THR A 430 -41.39 34.05 -23.17
N PRO A 431 -41.30 34.95 -22.19
CA PRO A 431 -40.72 36.27 -22.45
C PRO A 431 -39.25 36.17 -22.84
N LYS A 432 -38.83 37.13 -23.64
CA LYS A 432 -37.42 37.22 -24.05
C LYS A 432 -36.57 37.62 -22.85
N ALA A 433 -35.49 36.89 -22.63
CA ALA A 433 -34.58 37.22 -21.54
C ALA A 433 -33.69 38.40 -21.93
N THR A 434 -33.46 39.28 -20.96
CA THR A 434 -32.61 40.44 -21.16
C THR A 434 -31.15 40.06 -21.01
N ARG A 435 -30.27 40.95 -21.48
CA ARG A 435 -28.87 40.60 -21.65
C ARG A 435 -28.20 40.28 -20.32
N GLU A 436 -28.50 41.05 -19.27
CA GLU A 436 -27.76 40.91 -18.03
C GLU A 436 -27.91 39.52 -17.42
N GLN A 437 -29.10 38.93 -17.54
CA GLN A 437 -29.29 37.55 -17.07
C GLN A 437 -28.43 36.58 -17.87
N LEU A 438 -28.33 36.77 -19.18
CA LEU A 438 -27.45 35.93 -19.97
C LEU A 438 -26.00 36.08 -19.52
N CYS A 439 -25.55 37.32 -19.31
CA CYS A 439 -24.18 37.53 -18.88
C CYS A 439 -23.91 36.86 -17.55
N SER A 440 -24.83 37.01 -16.58
CA SER A 440 -24.62 36.43 -15.25
C SER A 440 -24.68 34.92 -15.28
N SER A 441 -25.64 34.34 -16.03
CA SER A 441 -25.71 32.89 -16.13
C SER A 441 -24.45 32.32 -16.76
N PHE A 442 -23.97 32.95 -17.83
CA PHE A 442 -22.69 32.55 -18.40
C PHE A 442 -21.59 32.62 -17.35
N LYS A 443 -21.32 33.82 -16.86
CA LYS A 443 -20.28 34.02 -15.85
C LYS A 443 -20.34 32.96 -14.76
N GLN A 444 -21.55 32.52 -14.40
CA GLN A 444 -21.65 31.49 -13.36
C GLN A 444 -21.25 30.12 -13.88
N SER A 445 -21.71 29.73 -15.08
CA SER A 445 -21.51 28.37 -15.55
C SER A 445 -20.18 28.17 -16.29
N PHE A 446 -19.46 29.25 -16.57
CA PHE A 446 -18.25 29.21 -17.40
C PHE A 446 -17.37 28.00 -17.12
N TRP A 447 -16.90 27.86 -15.89
CA TRP A 447 -15.93 26.81 -15.61
C TRP A 447 -16.51 25.42 -15.82
N ALA A 448 -17.76 25.21 -15.40
CA ALA A 448 -18.37 23.90 -15.60
C ALA A 448 -18.52 23.58 -17.09
N ILE A 449 -19.02 24.55 -17.86
CA ILE A 449 -19.24 24.31 -19.29
C ILE A 449 -17.97 24.26 -20.09
N LEU A 450 -16.83 24.61 -19.48
CA LEU A 450 -15.56 24.52 -20.19
C LEU A 450 -15.14 23.07 -20.44
N THR A 451 -15.56 22.13 -19.59
CA THR A 451 -15.00 20.78 -19.64
C THR A 451 -15.24 20.07 -20.97
N PRO A 452 -16.47 20.05 -21.52
CA PRO A 452 -16.66 19.34 -22.79
C PRO A 452 -15.74 19.83 -23.89
N LEU A 453 -15.53 21.14 -23.96
CA LEU A 453 -14.57 21.67 -24.93
C LEU A 453 -13.17 21.12 -24.65
N LEU A 454 -12.79 21.03 -23.38
CA LEU A 454 -11.50 20.45 -23.03
C LEU A 454 -11.37 19.05 -23.61
N ILE A 455 -12.34 18.18 -23.35
CA ILE A 455 -12.23 16.79 -23.79
C ILE A 455 -12.22 16.70 -25.31
N ILE A 456 -13.14 17.41 -25.96
CA ILE A 456 -13.27 17.30 -27.41
C ILE A 456 -12.02 17.83 -28.10
N GLY A 457 -11.49 18.96 -27.63
CA GLY A 457 -10.26 19.47 -28.20
C GLY A 457 -9.08 18.55 -27.96
N GLY A 458 -8.98 17.99 -26.75
CA GLY A 458 -7.88 17.09 -26.45
C GLY A 458 -7.89 15.86 -27.33
N ILE A 459 -9.06 15.33 -27.64
CA ILE A 459 -9.14 14.11 -28.44
C ILE A 459 -9.03 14.41 -29.93
N PHE A 460 -9.81 15.37 -30.43
CA PHE A 460 -9.85 15.63 -31.86
C PHE A 460 -8.50 16.08 -32.39
N SER A 461 -7.84 16.99 -31.69
CA SER A 461 -6.58 17.56 -32.16
C SER A 461 -5.41 16.59 -32.08
N GLY A 462 -5.59 15.43 -31.46
CA GLY A 462 -4.50 14.50 -31.31
C GLY A 462 -3.55 14.84 -30.18
N LEU A 463 -3.87 15.86 -29.38
CA LEU A 463 -2.98 16.24 -28.28
C LEU A 463 -2.89 15.12 -27.25
N PHE A 464 -4.02 14.46 -26.97
CA PHE A 464 -4.07 13.41 -25.96
C PHE A 464 -4.71 12.15 -26.55
N SER A 465 -4.35 11.01 -25.99
CA SER A 465 -5.07 9.77 -26.24
C SER A 465 -6.31 9.71 -25.34
N PRO A 466 -7.28 8.86 -25.67
CA PRO A 466 -8.51 8.83 -24.87
C PRO A 466 -8.28 8.62 -23.38
N THR A 467 -7.34 7.74 -23.00
CA THR A 467 -7.07 7.54 -21.58
C THR A 467 -6.50 8.80 -20.95
N GLU A 468 -5.55 9.45 -21.63
CA GLU A 468 -5.00 10.69 -21.12
C GLU A 468 -6.07 11.77 -21.02
N SER A 469 -6.96 11.83 -22.01
CA SER A 469 -8.04 12.81 -21.96
C SER A 469 -8.96 12.55 -20.77
N ALA A 470 -9.25 11.27 -20.50
CA ALA A 470 -10.07 10.95 -19.33
C ALA A 470 -9.39 11.38 -18.04
N ILE A 471 -8.08 11.11 -17.93
CA ILE A 471 -7.35 11.51 -16.73
C ILE A 471 -7.39 13.02 -16.55
N VAL A 472 -7.16 13.75 -17.65
CA VAL A 472 -7.15 15.21 -17.58
C VAL A 472 -8.51 15.74 -17.16
N ALA A 473 -9.58 15.18 -17.74
CA ALA A 473 -10.92 15.62 -17.39
C ALA A 473 -11.23 15.35 -15.92
N ALA A 474 -10.84 14.17 -15.42
CA ALA A 474 -11.08 13.86 -14.01
C ALA A 474 -10.33 14.83 -13.11
N ALA A 475 -9.07 15.12 -13.44
CA ALA A 475 -8.29 16.04 -12.61
C ALA A 475 -8.92 17.43 -12.63
N TYR A 476 -9.33 17.91 -13.80
CA TYR A 476 -9.93 19.23 -13.89
C TYR A 476 -11.23 19.30 -13.09
N SER A 477 -12.05 18.26 -13.18
CA SER A 477 -13.30 18.24 -12.43
C SER A 477 -13.04 18.26 -10.93
N VAL A 478 -12.05 17.48 -10.48
CA VAL A 478 -11.72 17.47 -9.05
C VAL A 478 -11.27 18.85 -8.62
N ILE A 479 -10.40 19.49 -9.40
CA ILE A 479 -9.92 20.81 -9.05
C ILE A 479 -11.08 21.79 -8.93
N ILE A 480 -11.96 21.79 -9.93
CA ILE A 480 -13.08 22.73 -9.92
C ILE A 480 -13.99 22.48 -8.73
N GLY A 481 -14.32 21.22 -8.48
CA GLY A 481 -15.20 20.92 -7.36
C GLY A 481 -14.60 21.32 -6.03
N LYS A 482 -13.30 21.10 -5.85
CA LYS A 482 -12.68 21.41 -4.57
C LYS A 482 -12.56 22.92 -4.36
N PHE A 483 -12.08 23.64 -5.37
CA PHE A 483 -11.68 25.03 -5.16
C PHE A 483 -12.73 26.05 -5.64
N VAL A 484 -13.10 26.03 -6.91
CA VAL A 484 -13.91 27.12 -7.45
C VAL A 484 -15.34 27.05 -6.91
N TYR A 485 -15.92 25.85 -6.80
CA TYR A 485 -17.30 25.72 -6.37
C TYR A 485 -17.46 25.24 -4.93
N LYS A 486 -16.38 24.83 -4.28
CA LYS A 486 -16.40 24.46 -2.87
C LYS A 486 -17.49 23.42 -2.58
N GLU A 487 -17.34 22.24 -3.19
CA GLU A 487 -18.30 21.17 -3.01
C GLU A 487 -17.67 19.80 -2.76
N LEU A 488 -16.37 19.65 -2.97
CA LEU A 488 -15.73 18.35 -2.84
C LEU A 488 -14.98 18.24 -1.52
N THR A 489 -14.98 17.02 -0.97
CA THR A 489 -14.21 16.69 0.21
C THR A 489 -13.56 15.33 -0.01
N LEU A 490 -12.50 15.07 0.76
CA LEU A 490 -11.74 13.84 0.55
C LEU A 490 -12.62 12.61 0.73
N LYS A 491 -13.51 12.63 1.73
CA LYS A 491 -14.40 11.50 1.93
C LYS A 491 -15.33 11.31 0.73
N SER A 492 -15.86 12.41 0.20
CA SER A 492 -16.72 12.32 -0.97
C SER A 492 -15.95 11.76 -2.16
N LEU A 493 -14.71 12.21 -2.35
CA LEU A 493 -13.90 11.68 -3.45
C LEU A 493 -13.64 10.19 -3.28
N PHE A 494 -13.35 9.75 -2.06
CA PHE A 494 -13.12 8.33 -1.81
C PHE A 494 -14.38 7.51 -2.11
N ASN A 495 -15.54 8.01 -1.68
CA ASN A 495 -16.79 7.31 -1.96
C ASN A 495 -17.07 7.24 -3.46
N SER A 496 -16.80 8.34 -4.17
CA SER A 496 -17.00 8.34 -5.61
C SER A 496 -16.08 7.33 -6.29
N CYS A 497 -14.83 7.26 -5.84
CA CYS A 497 -13.91 6.27 -6.39
C CYS A 497 -14.40 4.86 -6.14
N ILE A 498 -14.91 4.59 -4.93
CA ILE A 498 -15.44 3.27 -4.63
C ILE A 498 -16.61 2.95 -5.56
N GLU A 499 -17.50 3.92 -5.76
CA GLU A 499 -18.66 3.70 -6.64
C GLU A 499 -18.22 3.41 -8.06
N ALA A 500 -17.25 4.17 -8.56
CA ALA A 500 -16.76 3.95 -9.92
C ALA A 500 -16.15 2.56 -10.06
N MET A 501 -15.36 2.14 -9.07
CA MET A 501 -14.79 0.79 -9.12
C MET A 501 -15.89 -0.26 -9.10
N ALA A 502 -16.93 -0.06 -8.29
CA ALA A 502 -18.02 -1.02 -8.24
C ALA A 502 -18.70 -1.13 -9.60
N ILE A 503 -18.91 0.01 -10.27
CA ILE A 503 -19.52 -0.04 -11.60
C ILE A 503 -18.61 -0.76 -12.59
N THR A 504 -17.31 -0.47 -12.54
CA THR A 504 -16.39 -1.10 -13.49
C THR A 504 -16.28 -2.59 -13.28
N GLY A 505 -16.50 -3.05 -12.04
CA GLY A 505 -16.39 -4.48 -11.77
C GLY A 505 -17.33 -5.31 -12.60
N VAL A 506 -18.55 -4.81 -12.84
CA VAL A 506 -19.52 -5.55 -13.63
C VAL A 506 -19.02 -5.71 -15.06
N VAL A 507 -18.48 -4.64 -15.64
CA VAL A 507 -18.01 -4.70 -17.02
C VAL A 507 -16.80 -5.61 -17.14
N ALA A 508 -15.93 -5.62 -16.13
CA ALA A 508 -14.68 -6.37 -16.24
C ALA A 508 -14.94 -7.86 -16.46
N LEU A 509 -15.87 -8.45 -15.70
CA LEU A 509 -16.10 -9.88 -15.82
C LEU A 509 -16.58 -10.23 -17.23
N MET A 510 -17.52 -9.45 -17.76
CA MET A 510 -17.99 -9.71 -19.11
C MET A 510 -16.88 -9.55 -20.12
N ILE A 511 -15.99 -8.58 -19.91
CA ILE A 511 -14.88 -8.39 -20.85
C ILE A 511 -14.00 -9.65 -20.87
N MET A 512 -13.59 -10.12 -19.69
CA MET A 512 -12.71 -11.29 -19.65
C MET A 512 -13.40 -12.50 -20.27
N THR A 513 -14.67 -12.73 -19.92
CA THR A 513 -15.31 -13.94 -20.41
C THR A 513 -15.60 -13.87 -21.90
N VAL A 514 -15.90 -12.68 -22.44
CA VAL A 514 -16.13 -12.57 -23.87
C VAL A 514 -14.82 -12.75 -24.63
N THR A 515 -13.71 -12.28 -24.06
CA THR A 515 -12.42 -12.58 -24.68
C THR A 515 -12.15 -14.07 -24.70
N PHE A 516 -12.50 -14.76 -23.61
CA PHE A 516 -12.34 -16.21 -23.56
C PHE A 516 -13.20 -16.91 -24.60
N PHE A 517 -14.46 -16.46 -24.75
CA PHE A 517 -15.42 -17.06 -25.67
C PHE A 517 -15.06 -16.81 -27.13
N GLY A 518 -14.41 -15.67 -27.42
CA GLY A 518 -13.95 -15.42 -28.77
C GLY A 518 -12.98 -16.46 -29.27
N ASP A 519 -12.22 -17.07 -28.36
CA ASP A 519 -11.32 -18.15 -28.77
C ASP A 519 -12.09 -19.32 -29.36
N MET A 520 -13.15 -19.76 -28.67
CA MET A 520 -14.00 -20.81 -29.22
C MET A 520 -14.59 -20.37 -30.55
N ILE A 521 -15.09 -19.14 -30.61
CA ILE A 521 -15.78 -18.70 -31.82
C ILE A 521 -14.83 -18.71 -33.02
N ALA A 522 -13.60 -18.23 -32.82
CA ALA A 522 -12.67 -18.12 -33.94
C ALA A 522 -12.09 -19.49 -34.31
N ARG A 523 -11.85 -20.34 -33.32
CA ARG A 523 -11.23 -21.63 -33.60
C ARG A 523 -12.10 -22.49 -34.52
N GLU A 524 -13.41 -22.47 -34.30
CA GLU A 524 -14.32 -23.32 -35.06
C GLU A 524 -14.78 -22.69 -36.36
N GLN A 525 -14.46 -21.42 -36.61
CA GLN A 525 -14.83 -20.75 -37.85
C GLN A 525 -16.34 -20.78 -38.05
N VAL A 526 -17.07 -20.27 -37.06
CA VAL A 526 -18.53 -20.24 -37.16
C VAL A 526 -18.97 -19.22 -38.20
N ALA A 527 -18.27 -18.08 -38.28
CA ALA A 527 -18.66 -17.03 -39.21
C ALA A 527 -18.58 -17.52 -40.65
N MET A 528 -17.54 -18.28 -40.98
CA MET A 528 -17.41 -18.79 -42.34
C MET A 528 -18.57 -19.72 -42.69
N ARG A 529 -18.96 -20.59 -41.77
CA ARG A 529 -20.07 -21.50 -42.02
C ARG A 529 -21.39 -20.75 -42.16
N VAL A 530 -21.59 -19.72 -41.33
CA VAL A 530 -22.81 -18.92 -41.44
C VAL A 530 -22.86 -18.20 -42.78
N ALA A 531 -21.73 -17.63 -43.22
CA ALA A 531 -21.69 -16.98 -44.52
C ALA A 531 -21.97 -17.96 -45.64
N ASP A 532 -21.39 -19.16 -45.56
CA ASP A 532 -21.65 -20.17 -46.57
C ASP A 532 -23.11 -20.60 -46.60
N VAL A 533 -23.75 -20.69 -45.44
CA VAL A 533 -25.19 -20.97 -45.40
C VAL A 533 -26.00 -19.84 -46.03
N PHE A 534 -25.65 -18.59 -45.72
CA PHE A 534 -26.38 -17.45 -46.24
C PHE A 534 -25.82 -17.03 -47.60
N VAL A 535 -26.08 -17.87 -48.59
CA VAL A 535 -25.67 -17.58 -49.97
C VAL A 535 -26.75 -16.75 -50.65
N ALA A 536 -26.41 -16.17 -51.80
CA ALA A 536 -27.25 -15.35 -52.66
C ALA A 536 -27.43 -13.94 -52.09
N VAL A 537 -26.93 -13.64 -50.89
CA VAL A 537 -26.94 -12.27 -50.38
C VAL A 537 -25.59 -11.61 -50.47
N ALA A 538 -24.53 -12.37 -50.75
CA ALA A 538 -23.22 -11.76 -50.97
C ALA A 538 -23.25 -10.86 -52.19
N ASP A 539 -22.28 -9.95 -52.26
CA ASP A 539 -22.22 -8.90 -53.26
C ASP A 539 -23.30 -7.85 -53.08
N SER A 540 -24.14 -7.99 -52.05
CA SER A 540 -25.17 -7.02 -51.72
C SER A 540 -25.11 -6.73 -50.23
N PRO A 541 -24.09 -5.97 -49.80
CA PRO A 541 -23.97 -5.68 -48.36
C PRO A 541 -25.15 -4.92 -47.81
N LEU A 542 -25.91 -4.21 -48.64
CA LEU A 542 -27.06 -3.48 -48.14
C LEU A 542 -28.08 -4.43 -47.51
N THR A 543 -28.34 -5.56 -48.15
CA THR A 543 -29.29 -6.52 -47.60
C THR A 543 -28.79 -7.09 -46.27
N VAL A 544 -27.49 -7.34 -46.17
CA VAL A 544 -26.92 -7.85 -44.92
C VAL A 544 -27.09 -6.82 -43.82
N LEU A 545 -26.82 -5.55 -44.13
CA LEU A 545 -27.00 -4.49 -43.13
C LEU A 545 -28.45 -4.38 -42.70
N ILE A 546 -29.38 -4.48 -43.65
CA ILE A 546 -30.80 -4.41 -43.32
C ILE A 546 -31.18 -5.57 -42.40
N MET A 547 -30.70 -6.78 -42.71
CA MET A 547 -31.01 -7.94 -41.87
C MET A 547 -30.48 -7.75 -40.46
N ILE A 548 -29.24 -7.31 -40.33
CA ILE A 548 -28.64 -7.13 -39.01
C ILE A 548 -29.40 -6.06 -38.23
N ASN A 549 -29.75 -4.96 -38.89
CA ASN A 549 -30.48 -3.89 -38.21
C ASN A 549 -31.84 -4.37 -37.74
N ALA A 550 -32.54 -5.14 -38.59
CA ALA A 550 -33.84 -5.67 -38.17
C ALA A 550 -33.69 -6.59 -36.97
N LEU A 551 -32.68 -7.46 -36.99
CA LEU A 551 -32.47 -8.35 -35.86
C LEU A 551 -32.20 -7.58 -34.57
N LEU A 552 -31.33 -6.57 -34.65
CA LEU A 552 -31.02 -5.80 -33.45
C LEU A 552 -32.21 -5.01 -32.95
N LEU A 553 -33.00 -4.43 -33.87
CA LEU A 553 -34.19 -3.70 -33.45
C LEU A 553 -35.19 -4.63 -32.77
N PHE A 554 -35.37 -5.84 -33.31
CA PHE A 554 -36.28 -6.79 -32.69
C PHE A 554 -35.79 -7.17 -31.30
N LEU A 555 -34.49 -7.50 -31.18
CA LEU A 555 -33.98 -7.97 -29.90
C LEU A 555 -34.01 -6.87 -28.85
N GLY A 556 -33.77 -5.62 -29.24
CA GLY A 556 -33.72 -4.53 -28.29
C GLY A 556 -35.02 -4.28 -27.55
N MET A 557 -36.13 -4.84 -28.04
CA MET A 557 -37.41 -4.62 -27.37
C MET A 557 -37.49 -5.34 -26.04
N PHE A 558 -36.81 -6.48 -25.90
CA PHE A 558 -36.94 -7.32 -24.72
C PHE A 558 -35.67 -7.41 -23.88
N ILE A 559 -34.52 -7.00 -24.40
CA ILE A 559 -33.24 -7.16 -23.72
C ILE A 559 -32.61 -5.79 -23.51
N ASP A 560 -31.99 -5.60 -22.35
CA ASP A 560 -31.31 -4.35 -22.05
C ASP A 560 -30.09 -4.18 -22.94
N ALA A 561 -29.71 -2.93 -23.18
CA ALA A 561 -28.63 -2.64 -24.13
C ALA A 561 -27.31 -3.23 -23.66
N LEU A 562 -26.99 -3.09 -22.37
CA LEU A 562 -25.68 -3.50 -21.88
C LEU A 562 -25.47 -5.00 -22.07
N ALA A 563 -26.46 -5.81 -21.68
CA ALA A 563 -26.36 -7.24 -21.89
C ALA A 563 -26.39 -7.59 -23.37
N LEU A 564 -27.22 -6.89 -24.14
CA LEU A 564 -27.36 -7.22 -25.55
C LEU A 564 -26.06 -7.02 -26.31
N GLN A 565 -25.31 -5.97 -25.96
CA GLN A 565 -24.03 -5.72 -26.64
C GLN A 565 -23.11 -6.91 -26.52
N PHE A 566 -22.88 -7.38 -25.29
CA PHE A 566 -22.00 -8.53 -25.09
C PHE A 566 -22.59 -9.79 -25.70
N LEU A 567 -23.92 -9.93 -25.66
CA LEU A 567 -24.54 -11.13 -26.20
C LEU A 567 -24.34 -11.23 -27.71
N VAL A 568 -24.43 -10.11 -28.42
CA VAL A 568 -24.54 -10.13 -29.87
C VAL A 568 -23.21 -9.84 -30.56
N LEU A 569 -22.38 -8.94 -30.02
CA LEU A 569 -21.19 -8.52 -30.75
C LEU A 569 -20.24 -9.66 -31.08
N PRO A 570 -19.92 -10.58 -30.17
CA PRO A 570 -18.90 -11.59 -30.49
C PRO A 570 -19.19 -12.38 -31.76
N MET A 571 -20.46 -12.69 -32.02
CA MET A 571 -20.82 -13.42 -33.22
C MET A 571 -20.97 -12.51 -34.43
N LEU A 572 -21.40 -11.27 -34.23
CA LEU A 572 -21.64 -10.38 -35.36
C LEU A 572 -20.34 -9.85 -35.96
N ILE A 573 -19.37 -9.48 -35.13
CA ILE A 573 -18.15 -8.86 -35.65
C ILE A 573 -17.44 -9.76 -36.65
N PRO A 574 -17.20 -11.05 -36.37
CA PRO A 574 -16.59 -11.90 -37.40
C PRO A 574 -17.42 -11.97 -38.67
N ILE A 575 -18.74 -12.03 -38.55
CA ILE A 575 -19.59 -12.08 -39.74
C ILE A 575 -19.49 -10.78 -40.51
N ALA A 576 -19.36 -9.65 -39.81
CA ALA A 576 -19.13 -8.39 -40.48
C ALA A 576 -17.81 -8.39 -41.23
N MET A 577 -16.75 -8.92 -40.61
CA MET A 577 -15.48 -9.01 -41.29
C MET A 577 -15.55 -9.92 -42.51
N GLN A 578 -16.44 -10.92 -42.46
CA GLN A 578 -16.55 -11.86 -43.58
C GLN A 578 -16.98 -11.16 -44.85
N PHE A 579 -17.92 -10.22 -44.76
CA PHE A 579 -18.51 -9.57 -45.92
C PHE A 579 -17.76 -8.31 -46.34
N ASN A 580 -16.62 -8.02 -45.71
CA ASN A 580 -15.82 -6.85 -46.06
C ASN A 580 -16.54 -5.55 -45.71
N ILE A 581 -17.18 -5.53 -44.54
CA ILE A 581 -17.86 -4.34 -44.04
C ILE A 581 -16.89 -3.59 -43.14
N ASP A 582 -16.77 -2.28 -43.36
CA ASP A 582 -15.89 -1.47 -42.53
C ASP A 582 -16.30 -1.60 -41.08
N LEU A 583 -15.31 -1.63 -40.19
CA LEU A 583 -15.59 -1.88 -38.78
C LEU A 583 -15.88 -0.62 -37.99
N ILE A 584 -15.35 0.53 -38.39
CA ILE A 584 -15.72 1.78 -37.73
C ILE A 584 -17.19 2.09 -37.98
N PHE A 585 -17.61 2.02 -39.24
CA PHE A 585 -19.01 2.25 -39.58
C PHE A 585 -19.91 1.22 -38.93
N PHE A 586 -19.48 -0.04 -38.90
CA PHE A 586 -20.27 -1.08 -38.27
C PHE A 586 -20.42 -0.80 -36.77
N GLY A 587 -19.35 -0.37 -36.12
CA GLY A 587 -19.45 -0.04 -34.70
C GLY A 587 -20.40 1.11 -34.44
N VAL A 588 -20.31 2.17 -35.23
CA VAL A 588 -21.21 3.30 -35.06
C VAL A 588 -22.66 2.86 -35.25
N MET A 589 -22.91 2.10 -36.32
CA MET A 589 -24.28 1.67 -36.61
C MET A 589 -24.84 0.80 -35.50
N THR A 590 -24.05 -0.16 -35.02
CA THR A 590 -24.52 -1.03 -33.95
C THR A 590 -24.77 -0.25 -32.67
N THR A 591 -23.89 0.69 -32.34
CA THR A 591 -24.07 1.48 -31.13
C THR A 591 -25.37 2.28 -31.21
N LEU A 592 -25.62 2.92 -32.35
CA LEU A 592 -26.86 3.68 -32.49
C LEU A 592 -28.07 2.76 -32.42
N ASN A 593 -28.00 1.60 -33.07
CA ASN A 593 -29.12 0.67 -33.06
C ASN A 593 -29.43 0.19 -31.65
N MET A 594 -28.39 -0.05 -30.85
CA MET A 594 -28.60 -0.50 -29.48
C MET A 594 -29.08 0.62 -28.57
N MET A 595 -28.60 1.85 -28.77
CA MET A 595 -29.10 2.96 -27.97
C MET A 595 -30.56 3.25 -28.29
N VAL A 596 -31.00 2.99 -29.53
CA VAL A 596 -32.42 3.11 -29.84
C VAL A 596 -33.25 2.14 -29.01
N GLY A 597 -32.62 1.12 -28.43
CA GLY A 597 -33.37 0.09 -27.75
C GLY A 597 -34.07 0.58 -26.51
N ILE A 598 -33.45 1.52 -25.78
CA ILE A 598 -33.96 1.93 -24.47
C ILE A 598 -35.24 2.74 -24.61
N LEU A 599 -35.67 2.99 -25.85
CA LEU A 599 -36.92 3.69 -26.10
C LEU A 599 -38.05 2.77 -26.53
N THR A 600 -37.75 1.51 -26.78
CA THR A 600 -38.68 0.57 -27.47
C THR A 600 -39.38 -0.28 -26.40
N PRO A 601 -40.72 -0.21 -26.25
CA PRO A 601 -41.44 -1.14 -25.38
C PRO A 601 -41.41 -2.54 -26.00
N PRO A 602 -41.52 -3.64 -25.23
CA PRO A 602 -41.91 -3.61 -23.81
C PRO A 602 -40.95 -2.89 -22.86
N MET A 603 -39.65 -3.16 -22.97
CA MET A 603 -38.67 -3.02 -21.86
C MET A 603 -37.60 -1.98 -22.19
N GLY A 604 -37.89 -0.70 -21.94
CA GLY A 604 -36.97 0.41 -22.11
C GLY A 604 -36.66 1.09 -20.79
N MET A 605 -35.39 1.09 -20.40
CA MET A 605 -35.02 1.71 -19.12
C MET A 605 -35.35 3.19 -19.10
N ALA A 606 -35.19 3.87 -20.23
CA ALA A 606 -35.48 5.31 -20.27
C ALA A 606 -36.93 5.57 -19.91
N LEU A 607 -37.85 4.75 -20.41
CA LEU A 607 -39.26 4.94 -20.10
C LEU A 607 -39.50 4.84 -18.60
N PHE A 608 -38.96 3.79 -17.98
CA PHE A 608 -39.19 3.59 -16.55
C PHE A 608 -38.60 4.74 -15.74
N VAL A 609 -37.37 5.14 -16.07
CA VAL A 609 -36.72 6.20 -15.31
C VAL A 609 -37.50 7.51 -15.45
N VAL A 610 -37.94 7.83 -16.67
CA VAL A 610 -38.67 9.07 -16.87
C VAL A 610 -40.00 9.03 -16.13
N ALA A 611 -40.71 7.90 -16.18
CA ALA A 611 -41.97 7.79 -15.47
C ALA A 611 -41.77 7.95 -13.97
N ARG A 612 -40.71 7.34 -13.43
CA ARG A 612 -40.44 7.47 -12.00
C ARG A 612 -40.12 8.91 -11.62
N VAL A 613 -39.25 9.56 -12.39
CA VAL A 613 -38.78 10.89 -12.02
C VAL A 613 -39.90 11.92 -12.18
N GLY A 614 -40.63 11.86 -13.28
CA GLY A 614 -41.69 12.81 -13.53
C GLY A 614 -43.01 12.48 -12.88
N ASN A 615 -43.13 11.32 -12.23
CA ASN A 615 -44.36 10.92 -11.55
C ASN A 615 -45.53 10.89 -12.54
N MET A 616 -45.41 10.00 -13.52
CA MET A 616 -46.48 9.80 -14.49
C MET A 616 -46.48 8.34 -14.92
N SER A 617 -47.64 7.90 -15.41
CA SER A 617 -47.78 6.52 -15.84
C SER A 617 -46.91 6.23 -17.06
N VAL A 618 -46.35 5.02 -17.10
CA VAL A 618 -45.47 4.65 -18.19
C VAL A 618 -46.21 4.66 -19.53
N SER A 619 -47.53 4.47 -19.51
CA SER A 619 -48.28 4.50 -20.76
C SER A 619 -48.22 5.88 -21.41
N THR A 620 -48.36 6.94 -20.60
CA THR A 620 -48.26 8.29 -21.14
C THR A 620 -46.86 8.57 -21.66
N VAL A 621 -45.84 8.12 -20.94
CA VAL A 621 -44.47 8.31 -21.39
C VAL A 621 -44.26 7.62 -22.74
N THR A 622 -44.79 6.42 -22.89
CA THR A 622 -44.67 5.70 -24.15
C THR A 622 -45.38 6.44 -25.28
N LYS A 623 -46.62 6.85 -25.04
CA LYS A 623 -47.37 7.51 -26.09
C LYS A 623 -46.78 8.86 -26.47
N GLY A 624 -46.05 9.49 -25.54
CA GLY A 624 -45.35 10.72 -25.88
C GLY A 624 -44.05 10.48 -26.60
N VAL A 625 -43.39 9.35 -26.32
CA VAL A 625 -42.16 9.03 -27.03
C VAL A 625 -42.45 8.62 -28.47
N LEU A 626 -43.58 7.97 -28.71
CA LEU A 626 -43.88 7.49 -30.06
C LEU A 626 -43.65 8.54 -31.16
N PRO A 627 -44.15 9.76 -31.05
CA PRO A 627 -43.91 10.74 -32.13
C PRO A 627 -42.46 11.06 -32.36
N PHE A 628 -41.61 10.92 -31.35
CA PHE A 628 -40.20 11.31 -31.45
C PHE A 628 -39.31 10.17 -31.93
N LEU A 629 -39.87 9.02 -32.26
CA LEU A 629 -39.05 7.92 -32.79
C LEU A 629 -38.80 8.04 -34.28
N ILE A 630 -39.57 8.86 -34.99
CA ILE A 630 -39.36 9.01 -36.43
C ILE A 630 -38.00 9.62 -36.73
N PRO A 631 -37.57 10.71 -36.08
CA PRO A 631 -36.23 11.24 -36.38
C PRO A 631 -35.11 10.23 -36.17
N VAL A 632 -35.18 9.42 -35.12
CA VAL A 632 -34.12 8.46 -34.86
C VAL A 632 -34.08 7.39 -35.94
N PHE A 633 -35.25 6.89 -36.34
CA PHE A 633 -35.29 5.90 -37.41
C PHE A 633 -34.77 6.49 -38.72
N VAL A 634 -35.14 7.73 -39.02
CA VAL A 634 -34.66 8.36 -40.25
C VAL A 634 -33.14 8.50 -40.22
N THR A 635 -32.58 8.91 -39.08
CA THR A 635 -31.14 9.04 -38.98
C THR A 635 -30.45 7.68 -39.17
N LEU A 636 -31.00 6.64 -38.54
CA LEU A 636 -30.40 5.32 -38.70
C LEU A 636 -30.44 4.88 -40.15
N VAL A 637 -31.56 5.09 -40.84
CA VAL A 637 -31.65 4.73 -42.25
C VAL A 637 -30.62 5.51 -43.06
N LEU A 638 -30.51 6.82 -42.80
CA LEU A 638 -29.59 7.66 -43.57
C LEU A 638 -28.16 7.16 -43.43
N ILE A 639 -27.71 6.91 -42.19
CA ILE A 639 -26.34 6.45 -42.02
C ILE A 639 -26.15 5.05 -42.56
N THR A 640 -27.18 4.20 -42.52
CA THR A 640 -27.05 2.86 -43.07
C THR A 640 -26.86 2.89 -44.59
N ILE A 641 -27.57 3.79 -45.29
CA ILE A 641 -27.47 3.83 -46.75
C ILE A 641 -26.30 4.67 -47.25
N PHE A 642 -25.77 5.58 -46.42
CA PHE A 642 -24.71 6.49 -46.83
C PHE A 642 -23.55 6.40 -45.85
N PRO A 643 -22.71 5.36 -45.98
CA PRO A 643 -21.56 5.25 -45.07
C PRO A 643 -20.60 6.42 -45.17
N GLN A 644 -20.58 7.13 -46.30
CA GLN A 644 -19.69 8.27 -46.44
C GLN A 644 -19.98 9.35 -45.42
N ILE A 645 -21.21 9.42 -44.92
CA ILE A 645 -21.54 10.39 -43.87
C ILE A 645 -20.67 10.16 -42.65
N ILE A 646 -20.44 8.89 -42.30
CA ILE A 646 -19.69 8.56 -41.10
C ILE A 646 -18.19 8.52 -41.39
N THR A 647 -17.81 7.93 -42.52
CA THR A 647 -16.42 7.53 -42.73
C THR A 647 -15.52 8.64 -43.23
N PHE A 648 -16.04 9.85 -43.46
CA PHE A 648 -15.20 10.88 -44.07
C PHE A 648 -14.49 11.75 -43.02
N VAL A 649 -15.14 12.07 -41.90
CA VAL A 649 -14.49 12.89 -40.88
C VAL A 649 -13.27 12.19 -40.28
N PRO A 650 -13.35 10.92 -39.86
CA PRO A 650 -12.16 10.29 -39.28
C PRO A 650 -10.97 10.25 -40.22
N ASN A 651 -11.22 10.03 -41.52
CA ASN A 651 -10.13 10.04 -42.48
C ASN A 651 -9.49 11.42 -42.58
N LEU A 652 -10.31 12.47 -42.56
CA LEU A 652 -9.77 13.82 -42.58
C LEU A 652 -8.91 14.09 -41.35
N LEU A 653 -9.42 13.72 -40.17
CA LEU A 653 -8.70 13.99 -38.94
C LEU A 653 -7.54 13.01 -38.72
N ILE A 654 -7.71 11.75 -39.11
CA ILE A 654 -6.66 10.76 -38.93
C ILE A 654 -6.44 10.01 -40.24
N MET B 40 7.91 -22.28 1.87
CA MET B 40 6.89 -21.29 1.45
C MET B 40 7.61 -20.21 0.67
N LYS B 41 7.97 -20.49 -0.58
CA LYS B 41 8.81 -19.59 -1.40
C LYS B 41 8.11 -18.28 -1.75
N TYR B 42 6.80 -18.22 -1.76
CA TYR B 42 6.12 -17.02 -2.28
C TYR B 42 5.85 -16.02 -1.16
N ILE B 43 6.39 -16.23 0.05
CA ILE B 43 6.31 -15.21 1.10
C ILE B 43 7.71 -15.02 1.66
N ASN B 44 8.73 -15.23 0.83
CA ASN B 44 10.12 -15.21 1.26
C ASN B 44 10.70 -13.82 1.40
N LYS B 45 9.98 -12.78 0.94
CA LYS B 45 10.47 -11.41 1.04
C LYS B 45 9.36 -10.45 1.48
N LEU B 46 8.30 -10.98 2.06
CA LEU B 46 7.14 -10.17 2.43
C LEU B 46 7.54 -9.07 3.41
N GLU B 47 8.22 -9.44 4.50
CA GLU B 47 8.58 -8.46 5.51
C GLU B 47 9.46 -7.38 4.91
N GLU B 48 10.51 -7.77 4.18
CA GLU B 48 11.43 -6.80 3.62
C GLU B 48 10.69 -5.81 2.72
N TRP B 49 9.92 -6.32 1.76
CA TRP B 49 9.31 -5.43 0.78
C TRP B 49 8.25 -4.53 1.43
N LEU B 50 7.37 -5.11 2.24
CA LEU B 50 6.33 -4.30 2.87
C LEU B 50 6.92 -3.25 3.79
N GLY B 51 7.94 -3.63 4.57
CA GLY B 51 8.57 -2.67 5.45
C GLY B 51 9.28 -1.56 4.70
N GLY B 52 9.93 -1.89 3.58
CA GLY B 52 10.53 -0.84 2.78
C GLY B 52 9.49 0.13 2.25
N ALA B 53 8.36 -0.38 1.77
CA ALA B 53 7.30 0.50 1.30
C ALA B 53 6.81 1.42 2.41
N LEU B 54 6.56 0.85 3.60
CA LEU B 54 6.08 1.67 4.71
C LEU B 54 7.13 2.71 5.12
N PHE B 55 8.40 2.31 5.10
CA PHE B 55 9.48 3.25 5.42
C PHE B 55 9.47 4.43 4.47
N ILE B 56 9.36 4.16 3.17
CA ILE B 56 9.34 5.24 2.19
C ILE B 56 8.13 6.14 2.41
N ALA B 57 6.98 5.53 2.70
CA ALA B 57 5.78 6.33 2.93
C ALA B 57 5.95 7.26 4.12
N ILE B 58 6.51 6.75 5.21
CA ILE B 58 6.72 7.57 6.40
C ILE B 58 7.70 8.70 6.10
N PHE B 59 8.78 8.37 5.38
CA PHE B 59 9.75 9.39 5.02
C PHE B 59 9.08 10.52 4.24
N GLY B 60 8.28 10.17 3.25
CA GLY B 60 7.58 11.19 2.49
C GLY B 60 6.63 12.02 3.33
N ILE B 61 5.90 11.36 4.23
CA ILE B 61 4.92 12.08 5.06
C ILE B 61 5.63 13.13 5.91
N LEU B 62 6.72 12.73 6.58
CA LEU B 62 7.43 13.69 7.44
C LEU B 62 8.09 14.79 6.61
N ILE B 63 8.61 14.45 5.43
CA ILE B 63 9.17 15.49 4.56
C ILE B 63 8.11 16.52 4.23
N ALA B 64 6.91 16.05 3.87
CA ALA B 64 5.82 16.97 3.54
C ALA B 64 5.46 17.82 4.74
N GLN B 65 5.36 17.22 5.92
CA GLN B 65 5.04 17.99 7.12
C GLN B 65 6.04 19.12 7.33
N ILE B 66 7.33 18.79 7.31
CA ILE B 66 8.36 19.79 7.58
C ILE B 66 8.32 20.89 6.53
N LEU B 67 8.24 20.51 5.26
CA LEU B 67 8.24 21.50 4.19
C LEU B 67 7.04 22.43 4.31
N SER B 68 5.85 21.87 4.55
CA SER B 68 4.66 22.69 4.66
C SER B 68 4.75 23.64 5.84
N ARG B 69 5.20 23.16 6.99
CA ARG B 69 5.23 24.01 8.18
C ARG B 69 6.25 25.13 8.04
N GLN B 70 7.46 24.79 7.57
CA GLN B 70 8.54 25.79 7.56
C GLN B 70 8.36 26.80 6.44
N VAL B 71 7.97 26.36 5.25
CA VAL B 71 7.95 27.23 4.08
C VAL B 71 6.61 27.92 3.91
N PHE B 72 5.52 27.15 3.88
CA PHE B 72 4.20 27.70 3.58
C PHE B 72 3.43 28.15 4.81
N HIS B 73 3.98 27.96 6.01
CA HIS B 73 3.29 28.32 7.25
C HIS B 73 1.91 27.66 7.32
N SER B 74 1.85 26.38 6.95
CA SER B 74 0.61 25.62 6.91
C SER B 74 0.80 24.33 7.71
N PRO B 75 0.70 24.40 9.03
CA PRO B 75 0.87 23.18 9.83
C PRO B 75 -0.17 22.13 9.50
N LEU B 76 0.25 20.87 9.60
CA LEU B 76 -0.60 19.71 9.37
C LEU B 76 -0.81 18.96 10.67
N ILE B 77 -2.03 18.50 10.91
CA ILE B 77 -2.39 17.90 12.19
C ILE B 77 -2.46 16.38 12.14
N TRP B 78 -2.23 15.76 10.98
CA TRP B 78 -2.37 14.31 10.83
C TRP B 78 -1.06 13.61 10.52
N SER B 79 -0.02 14.36 10.15
CA SER B 79 1.23 13.75 9.71
C SER B 79 1.86 12.93 10.85
N GLU B 80 1.91 13.49 12.05
CA GLU B 80 2.53 12.78 13.16
C GLU B 80 1.77 11.50 13.48
N GLU B 81 0.45 11.58 13.55
CA GLU B 81 -0.35 10.41 13.88
C GLU B 81 -0.16 9.32 12.83
N LEU B 82 -0.22 9.69 11.55
CA LEU B 82 -0.04 8.69 10.51
C LEU B 82 1.36 8.08 10.55
N ALA B 83 2.37 8.91 10.79
CA ALA B 83 3.74 8.40 10.85
C ALA B 83 3.90 7.39 11.97
N LYS B 84 3.37 7.70 13.16
CA LYS B 84 3.47 6.76 14.28
C LYS B 84 2.71 5.49 13.99
N LEU B 85 1.51 5.61 13.39
CA LEU B 85 0.73 4.43 13.07
C LEU B 85 1.50 3.51 12.15
N LEU B 86 2.16 4.06 11.13
CA LEU B 86 2.93 3.23 10.22
C LEU B 86 4.18 2.67 10.89
N PHE B 87 4.81 3.48 11.76
CA PHE B 87 6.02 3.03 12.43
C PHE B 87 5.76 1.82 13.31
N VAL B 88 4.57 1.72 13.89
CA VAL B 88 4.24 0.54 14.69
C VAL B 88 4.39 -0.72 13.83
N TYR B 89 3.78 -0.73 12.65
CA TYR B 89 3.86 -1.89 11.76
C TYR B 89 5.29 -2.13 11.32
N VAL B 90 6.03 -1.05 11.03
CA VAL B 90 7.43 -1.21 10.60
C VAL B 90 8.22 -1.93 11.69
N GLY B 91 8.04 -1.51 12.95
CA GLY B 91 8.76 -2.16 14.04
C GLY B 91 8.38 -3.62 14.20
N MET B 92 7.10 -3.93 14.09
CA MET B 92 6.68 -5.33 14.20
C MET B 92 7.32 -6.17 13.09
N LEU B 93 7.34 -5.65 11.86
CA LEU B 93 7.94 -6.39 10.76
C LEU B 93 9.44 -6.60 10.99
N GLY B 94 10.12 -5.58 11.49
CA GLY B 94 11.54 -5.75 11.82
C GLY B 94 11.76 -6.82 12.86
N ILE B 95 10.92 -6.84 13.90
CA ILE B 95 11.02 -7.88 14.91
C ILE B 95 10.85 -9.26 14.27
N SER B 96 9.88 -9.38 13.36
CA SER B 96 9.66 -10.67 12.71
C SER B 96 10.87 -11.10 11.90
N VAL B 97 11.47 -10.18 11.16
CA VAL B 97 12.66 -10.52 10.38
C VAL B 97 13.78 -10.99 11.30
N ALA B 98 14.01 -10.26 12.39
CA ALA B 98 15.06 -10.65 13.33
C ALA B 98 14.80 -12.02 13.90
N VAL B 99 13.54 -12.31 14.24
CA VAL B 99 13.20 -13.64 14.76
C VAL B 99 13.49 -14.70 13.73
N ARG B 100 13.18 -14.44 12.46
CA ARG B 100 13.44 -15.42 11.42
C ARG B 100 14.94 -15.70 11.31
N LYS B 101 15.76 -14.67 11.33
CA LYS B 101 17.19 -14.84 11.11
C LYS B 101 17.97 -15.17 12.38
N GLN B 102 17.32 -15.16 13.55
CA GLN B 102 17.98 -15.47 14.81
C GLN B 102 19.11 -14.47 15.09
N GLU B 103 18.73 -13.19 15.18
CA GLU B 103 19.69 -12.12 15.38
C GLU B 103 19.44 -11.33 16.65
N HIS B 104 18.50 -11.73 17.49
CA HIS B 104 18.21 -10.96 18.69
C HIS B 104 19.37 -11.05 19.67
N VAL B 105 19.61 -9.95 20.38
CA VAL B 105 20.78 -9.84 21.24
C VAL B 105 20.64 -10.78 22.44
N PHE B 106 21.78 -11.31 22.89
CA PHE B 106 21.81 -12.18 24.06
C PHE B 106 23.21 -12.14 24.66
N ILE B 107 23.31 -12.59 25.90
CA ILE B 107 24.59 -12.64 26.61
C ILE B 107 25.25 -13.97 26.30
N ASP B 108 26.48 -13.92 25.80
CA ASP B 108 27.20 -15.11 25.35
C ASP B 108 28.51 -15.30 26.10
N PHE B 109 28.59 -14.86 27.35
CA PHE B 109 29.82 -15.04 28.12
C PHE B 109 29.95 -16.48 28.61
N LEU B 110 28.97 -16.94 29.40
CA LEU B 110 29.01 -18.30 29.93
C LEU B 110 28.78 -19.35 28.86
N THR B 111 28.12 -18.99 27.76
CA THR B 111 27.86 -19.97 26.71
C THR B 111 29.15 -20.45 26.06
N ASN B 112 30.10 -19.54 25.82
CA ASN B 112 31.32 -19.90 25.11
C ASN B 112 32.19 -20.88 25.90
N LEU B 113 31.93 -21.06 27.19
CA LEU B 113 32.71 -21.96 28.02
C LEU B 113 32.11 -23.34 28.13
N MET B 114 30.98 -23.60 27.47
CA MET B 114 30.29 -24.87 27.63
C MET B 114 30.71 -25.87 26.55
N PRO B 115 30.74 -27.16 26.86
CA PRO B 115 30.92 -28.16 25.81
C PRO B 115 29.70 -28.23 24.90
N GLU B 116 29.91 -28.81 23.71
CA GLU B 116 28.82 -28.91 22.75
C GLU B 116 27.66 -29.75 23.31
N LYS B 117 27.98 -30.86 23.96
CA LYS B 117 26.93 -31.70 24.53
C LYS B 117 26.11 -30.94 25.55
N ILE B 118 26.77 -30.17 26.41
CA ILE B 118 26.04 -29.36 27.37
C ILE B 118 25.28 -28.24 26.67
N ARG B 119 25.87 -27.66 25.62
CA ARG B 119 25.18 -26.58 24.90
C ARG B 119 23.89 -27.07 24.26
N LYS B 120 23.81 -28.35 23.91
CA LYS B 120 22.62 -28.85 23.23
C LYS B 120 21.37 -28.69 24.11
N PHE B 121 21.47 -29.07 25.38
CA PHE B 121 20.31 -28.99 26.27
C PHE B 121 19.83 -27.55 26.42
N THR B 122 20.77 -26.63 26.66
CA THR B 122 20.39 -25.24 26.85
C THR B 122 19.80 -24.65 25.58
N ASN B 123 20.36 -25.01 24.42
CA ASN B 123 19.81 -24.51 23.17
C ASN B 123 18.43 -25.06 22.88
N THR B 124 18.13 -26.28 23.34
CA THR B 124 16.76 -26.77 23.26
C THR B 124 15.85 -25.96 24.17
N PHE B 125 16.30 -25.69 25.39
CA PHE B 125 15.49 -24.99 26.38
C PHE B 125 15.13 -23.60 25.89
N VAL B 126 16.08 -22.90 25.26
CA VAL B 126 15.80 -21.55 24.82
C VAL B 126 14.76 -21.54 23.69
N GLN B 127 14.81 -22.54 22.79
CA GLN B 127 13.78 -22.64 21.77
C GLN B 127 12.41 -22.87 22.41
N LEU B 128 12.34 -23.74 23.40
CA LEU B 128 11.07 -23.94 24.11
C LEU B 128 10.55 -22.62 24.66
N LEU B 129 11.43 -21.87 25.34
CA LEU B 129 10.98 -20.63 25.96
C LEU B 129 10.52 -19.60 24.93
N VAL B 130 11.24 -19.50 23.80
CA VAL B 130 10.84 -18.54 22.78
C VAL B 130 9.50 -18.93 22.17
N PHE B 131 9.28 -20.24 21.98
CA PHE B 131 7.98 -20.72 21.52
C PHE B 131 6.87 -20.26 22.44
N ILE B 132 7.06 -20.46 23.75
CA ILE B 132 6.03 -20.05 24.71
C ILE B 132 5.82 -18.54 24.64
N CYS B 133 6.91 -17.78 24.53
CA CYS B 133 6.80 -16.33 24.50
C CYS B 133 5.97 -15.87 23.30
N ILE B 134 6.22 -16.43 22.13
CA ILE B 134 5.49 -16.01 20.94
C ILE B 134 4.02 -16.41 21.05
N PHE B 135 3.74 -17.58 21.62
CA PHE B 135 2.35 -17.98 21.80
C PHE B 135 1.60 -16.97 22.67
N LEU B 136 2.17 -16.64 23.83
CA LEU B 136 1.52 -15.66 24.69
C LEU B 136 1.45 -14.30 24.01
N PHE B 137 2.42 -13.99 23.16
CA PHE B 137 2.38 -12.74 22.40
C PHE B 137 1.13 -12.69 21.54
N ILE B 138 0.85 -13.76 20.81
CA ILE B 138 -0.34 -13.81 19.96
C ILE B 138 -1.60 -13.67 20.81
N HIS B 139 -1.65 -14.40 21.92
CA HIS B 139 -2.85 -14.35 22.76
C HIS B 139 -3.13 -12.94 23.24
N PHE B 140 -2.11 -12.28 23.81
CA PHE B 140 -2.31 -10.93 24.32
C PHE B 140 -2.63 -9.95 23.20
N GLY B 141 -2.04 -10.13 22.03
CA GLY B 141 -2.38 -9.27 20.91
C GLY B 141 -3.86 -9.36 20.55
N ILE B 142 -4.37 -10.59 20.45
CA ILE B 142 -5.80 -10.76 20.14
C ILE B 142 -6.65 -10.10 21.21
N ARG B 143 -6.32 -10.36 22.48
CA ARG B 143 -7.16 -9.82 23.56
C ARG B 143 -7.16 -8.29 23.55
N THR B 144 -5.98 -7.68 23.41
CA THR B 144 -5.92 -6.22 23.44
C THR B 144 -6.57 -5.60 22.20
N PHE B 145 -6.47 -6.27 21.04
CA PHE B 145 -7.19 -5.77 19.87
C PHE B 145 -8.69 -5.79 20.11
N ASN B 146 -9.19 -6.87 20.71
CA ASN B 146 -10.61 -6.91 21.04
C ASN B 146 -10.98 -5.83 22.04
N GLY B 147 -10.05 -5.47 22.93
CA GLY B 147 -10.36 -4.49 23.97
C GLY B 147 -10.25 -3.03 23.56
N ALA B 148 -9.76 -2.75 22.36
CA ALA B 148 -9.54 -1.36 21.95
C ALA B 148 -10.87 -0.66 21.69
N SER B 149 -11.06 0.51 22.30
CA SER B 149 -12.32 1.24 22.18
C SER B 149 -12.14 2.66 21.66
N PHE B 150 -11.19 3.40 22.23
CA PHE B 150 -11.11 4.83 22.00
C PHE B 150 -10.78 5.16 20.55
N PRO B 151 -11.16 6.33 20.07
CA PRO B 151 -10.82 6.74 18.71
C PRO B 151 -9.48 7.48 18.65
N ILE B 152 -9.08 7.79 17.42
CA ILE B 152 -7.83 8.51 17.17
C ILE B 152 -8.21 9.91 16.75
N ASP B 153 -8.28 10.82 17.71
CA ASP B 153 -8.54 12.22 17.39
C ASP B 153 -7.36 12.81 16.63
N ALA B 154 -7.65 13.82 15.83
CA ALA B 154 -6.71 14.50 14.94
C ALA B 154 -6.41 13.67 13.69
N LEU B 155 -7.09 12.54 13.51
CA LEU B 155 -6.94 11.71 12.32
C LEU B 155 -8.29 11.34 11.71
N GLY B 156 -9.35 12.07 12.05
CA GLY B 156 -10.67 11.79 11.54
C GLY B 156 -11.53 10.93 12.41
N GLY B 157 -11.15 10.71 13.67
CA GLY B 157 -11.95 9.90 14.56
C GLY B 157 -11.81 8.39 14.36
N ILE B 158 -10.82 7.95 13.58
CA ILE B 158 -10.64 6.53 13.35
C ILE B 158 -10.43 5.81 14.68
N SER B 159 -10.82 4.54 14.72
CA SER B 159 -10.69 3.74 15.93
C SER B 159 -9.23 3.33 16.16
N GLU B 160 -8.88 3.13 17.43
CA GLU B 160 -7.54 2.69 17.79
C GLU B 160 -7.25 1.26 17.37
N LYS B 161 -8.28 0.52 16.95
CA LYS B 161 -8.06 -0.85 16.50
C LYS B 161 -7.06 -0.90 15.36
N TRP B 162 -6.97 0.18 14.58
CA TRP B 162 -5.96 0.23 13.52
C TRP B 162 -4.56 0.14 14.11
N ILE B 163 -4.31 0.85 15.21
CA ILE B 163 -3.01 0.76 15.87
C ILE B 163 -2.84 -0.60 16.51
N PHE B 164 -3.86 -1.09 17.21
CA PHE B 164 -3.71 -2.30 18.01
C PHE B 164 -3.73 -3.58 17.19
N ALA B 165 -4.10 -3.53 15.91
CA ALA B 165 -4.16 -4.73 15.10
C ALA B 165 -2.80 -5.20 14.60
N ALA B 166 -1.76 -4.36 14.71
CA ALA B 166 -0.46 -4.74 14.20
C ALA B 166 0.14 -5.90 14.97
N LEU B 167 -0.22 -6.07 16.23
CA LEU B 167 0.46 -7.04 17.08
C LEU B 167 0.15 -8.47 16.66
N PRO B 168 -1.10 -8.94 16.75
CA PRO B 168 -1.36 -10.35 16.41
C PRO B 168 -1.06 -10.71 14.97
N VAL B 169 -1.33 -9.78 14.04
CA VAL B 169 -1.15 -10.08 12.62
C VAL B 169 0.29 -10.44 12.33
N VAL B 170 1.23 -9.67 12.90
CA VAL B 170 2.65 -9.99 12.72
C VAL B 170 3.10 -11.09 13.65
N ALA B 171 2.40 -11.29 14.78
CA ALA B 171 2.79 -12.36 15.70
C ALA B 171 2.60 -13.72 15.07
N ILE B 172 1.55 -13.89 14.27
CA ILE B 172 1.36 -15.16 13.56
C ILE B 172 2.53 -15.42 12.62
N LEU B 173 2.95 -14.38 11.88
CA LEU B 173 4.08 -14.53 10.98
C LEU B 173 5.35 -14.85 11.75
N MET B 174 5.55 -14.23 12.90
CA MET B 174 6.69 -14.55 13.75
C MET B 174 6.68 -16.02 14.14
N MET B 175 5.50 -16.52 14.51
CA MET B 175 5.39 -17.93 14.88
C MET B 175 5.79 -18.83 13.72
N PHE B 176 5.32 -18.50 12.52
CA PHE B 176 5.66 -19.29 11.35
C PHE B 176 7.17 -19.25 11.09
N ARG B 177 7.78 -18.07 11.21
CA ARG B 177 9.23 -17.97 10.99
C ARG B 177 10.01 -18.79 12.00
N PHE B 178 9.57 -18.78 13.26
CA PHE B 178 10.23 -19.58 14.28
C PHE B 178 10.14 -21.07 13.93
N ILE B 179 8.95 -21.52 13.52
CA ILE B 179 8.80 -22.91 13.12
C ILE B 179 9.72 -23.23 11.96
N GLN B 180 9.83 -22.32 11.00
CA GLN B 180 10.72 -22.52 9.86
C GLN B 180 12.17 -22.70 10.33
N ALA B 181 12.64 -21.80 11.19
CA ALA B 181 14.03 -21.86 11.64
C ALA B 181 14.32 -23.14 12.41
N GLN B 182 13.31 -23.67 13.12
CA GLN B 182 13.54 -24.90 13.87
C GLN B 182 13.98 -26.05 12.98
N THR B 183 13.55 -26.05 11.70
CA THR B 183 13.98 -27.11 10.80
C THR B 183 15.49 -27.15 10.66
N LEU B 184 16.09 -25.99 10.35
CA LEU B 184 17.55 -25.93 10.26
C LEU B 184 18.20 -26.21 11.60
N ASN B 185 17.63 -25.67 12.68
CA ASN B 185 18.22 -25.90 14.00
C ASN B 185 18.37 -27.39 14.28
N PHE B 186 17.31 -28.16 14.02
CA PHE B 186 17.39 -29.60 14.25
C PHE B 186 18.27 -30.28 13.21
N LYS B 187 18.27 -29.79 11.97
CA LYS B 187 19.05 -30.43 10.92
C LYS B 187 20.55 -30.38 11.22
N THR B 188 21.03 -29.23 11.69
CA THR B 188 22.46 -29.08 11.95
C THR B 188 22.92 -29.80 13.21
N GLY B 189 21.99 -30.33 14.01
CA GLY B 189 22.34 -31.03 15.22
C GLY B 189 22.48 -30.16 16.45
N LYS B 190 21.94 -28.94 16.42
CA LYS B 190 22.07 -28.01 17.54
C LYS B 190 20.91 -28.07 18.51
N SER B 191 19.89 -28.89 18.24
CA SER B 191 18.73 -28.99 19.11
C SER B 191 18.16 -30.40 19.02
N TYR B 192 17.38 -30.76 20.04
CA TYR B 192 16.80 -32.09 20.13
C TYR B 192 15.39 -32.18 19.57
N LEU B 193 14.81 -31.08 19.11
CA LEU B 193 13.39 -31.04 18.77
C LEU B 193 13.20 -30.72 17.30
N PRO B 194 12.39 -31.49 16.57
CA PRO B 194 12.11 -31.14 15.16
C PRO B 194 11.05 -30.05 15.08
N ALA B 195 10.65 -29.75 13.84
CA ALA B 195 9.60 -28.74 13.63
C ALA B 195 8.20 -29.34 13.81
N THR B 196 8.03 -30.62 13.49
CA THR B 196 6.72 -31.25 13.64
C THR B 196 6.27 -31.22 15.09
N PHE B 197 7.20 -31.40 16.03
CA PHE B 197 6.85 -31.31 17.44
C PHE B 197 6.22 -29.96 17.75
N PHE B 198 6.84 -28.88 17.26
CA PHE B 198 6.32 -27.55 17.55
C PHE B 198 4.99 -27.31 16.85
N ILE B 199 4.83 -27.85 15.64
CA ILE B 199 3.54 -27.70 14.94
C ILE B 199 2.44 -28.38 15.72
N ILE B 200 2.68 -29.61 16.18
CA ILE B 200 1.68 -30.35 16.93
C ILE B 200 1.35 -29.60 18.23
N SER B 201 2.37 -29.13 18.93
CA SER B 201 2.13 -28.42 20.18
C SER B 201 1.33 -27.15 19.94
N ALA B 202 1.65 -26.41 18.88
CA ALA B 202 0.91 -25.20 18.58
C ALA B 202 -0.55 -25.51 18.28
N VAL B 203 -0.81 -26.56 17.52
CA VAL B 203 -2.20 -26.91 17.20
C VAL B 203 -2.96 -27.27 18.47
N ILE B 204 -2.35 -28.08 19.33
CA ILE B 204 -3.03 -28.48 20.57
C ILE B 204 -3.29 -27.26 21.44
N LEU B 205 -2.31 -26.37 21.57
CA LEU B 205 -2.47 -25.20 22.41
C LEU B 205 -3.57 -24.28 21.88
N PHE B 206 -3.61 -24.09 20.57
CA PHE B 206 -4.67 -23.25 19.99
C PHE B 206 -6.04 -23.88 20.21
N ALA B 207 -6.14 -25.20 20.06
CA ALA B 207 -7.41 -25.87 20.32
C ALA B 207 -7.87 -25.65 21.75
N ILE B 208 -6.96 -25.84 22.71
CA ILE B 208 -7.33 -25.62 24.11
C ILE B 208 -7.73 -24.18 24.34
N LEU B 209 -6.97 -23.24 23.76
CA LEU B 209 -7.27 -21.82 23.97
C LEU B 209 -8.66 -21.46 23.45
N PHE B 210 -9.02 -21.95 22.26
CA PHE B 210 -10.26 -21.54 21.63
C PHE B 210 -11.47 -22.37 22.05
N PHE B 211 -11.27 -23.52 22.70
CA PHE B 211 -12.38 -24.38 23.08
C PHE B 211 -12.43 -24.72 24.56
N ALA B 212 -11.38 -24.47 25.32
CA ALA B 212 -11.40 -24.73 26.76
C ALA B 212 -10.34 -23.91 27.47
N PRO B 213 -10.41 -22.57 27.39
CA PRO B 213 -9.38 -21.76 28.05
C PRO B 213 -9.33 -21.96 29.56
N ASP B 214 -10.45 -22.30 30.19
CA ASP B 214 -10.48 -22.47 31.64
C ASP B 214 -9.52 -23.56 32.12
N TRP B 215 -8.93 -24.33 31.22
CA TRP B 215 -7.98 -25.37 31.63
C TRP B 215 -6.65 -24.78 32.07
N PHE B 216 -6.26 -23.62 31.51
CA PHE B 216 -4.95 -23.04 31.81
C PHE B 216 -4.86 -22.56 33.26
N LYS B 217 -5.98 -22.50 33.98
CA LYS B 217 -5.97 -22.01 35.35
C LYS B 217 -5.20 -22.94 36.28
N VAL B 218 -4.67 -24.04 35.74
CA VAL B 218 -3.78 -24.91 36.53
C VAL B 218 -2.33 -24.47 36.44
N LEU B 219 -2.00 -23.53 35.57
CA LEU B 219 -0.64 -23.00 35.44
C LEU B 219 -0.42 -21.73 36.25
N ARG B 220 -1.22 -21.53 37.30
CA ARG B 220 -1.10 -20.36 38.16
C ARG B 220 -0.34 -20.76 39.41
N ILE B 221 0.90 -20.32 39.54
CA ILE B 221 1.76 -20.72 40.65
C ILE B 221 1.12 -20.39 41.99
N SER B 222 0.23 -19.38 42.03
CA SER B 222 -0.38 -18.99 43.30
C SER B 222 -1.29 -20.07 43.87
N ASN B 223 -1.66 -21.08 43.07
CA ASN B 223 -2.49 -22.17 43.60
C ASN B 223 -1.73 -22.99 44.63
N TYR B 224 -0.44 -23.21 44.41
CA TYR B 224 0.33 -24.19 45.16
C TYR B 224 1.13 -23.60 46.30
N ILE B 225 1.69 -22.41 46.12
CA ILE B 225 2.51 -21.77 47.15
C ILE B 225 2.26 -20.27 47.11
N LYS B 226 2.15 -19.67 48.30
CA LYS B 226 1.96 -18.22 48.44
C LYS B 226 3.30 -17.63 48.87
N LEU B 227 4.10 -17.21 47.90
CA LEU B 227 5.40 -16.65 48.22
C LEU B 227 5.28 -15.30 48.93
N GLY B 228 4.37 -14.45 48.49
CA GLY B 228 4.18 -13.16 49.13
C GLY B 228 5.09 -12.10 48.55
N SER B 229 5.73 -11.32 49.45
CA SER B 229 6.58 -10.23 49.00
C SER B 229 7.83 -10.72 48.27
N SER B 230 8.23 -11.97 48.46
CA SER B 230 9.41 -12.50 47.81
C SER B 230 9.18 -12.89 46.35
N SER B 231 7.97 -12.67 45.83
CA SER B 231 7.68 -13.03 44.46
C SER B 231 8.59 -12.29 43.49
N VAL B 232 8.76 -10.98 43.71
CA VAL B 232 9.58 -10.18 42.80
C VAL B 232 11.04 -10.62 42.87
N TYR B 233 11.54 -10.91 44.09
CA TYR B 233 12.91 -11.37 44.22
C TYR B 233 13.12 -12.70 43.50
N VAL B 234 12.18 -13.63 43.65
CA VAL B 234 12.31 -14.92 42.97
C VAL B 234 12.28 -14.72 41.47
N ALA B 235 11.38 -13.86 40.99
CA ALA B 235 11.30 -13.60 39.55
C ALA B 235 12.60 -13.05 39.01
N LEU B 236 13.20 -12.09 39.72
CA LEU B 236 14.48 -11.54 39.28
C LEU B 236 15.58 -12.59 39.31
N LEU B 237 15.57 -13.44 40.35
CA LEU B 237 16.61 -14.46 40.46
C LEU B 237 16.54 -15.42 39.27
N VAL B 238 15.34 -15.87 38.90
CA VAL B 238 15.23 -16.77 37.76
C VAL B 238 15.50 -16.02 36.46
N TRP B 239 15.18 -14.73 36.41
CA TRP B 239 15.47 -13.91 35.24
C TRP B 239 16.97 -13.92 34.96
N LEU B 240 17.79 -13.73 36.00
CA LEU B 240 19.23 -13.73 35.79
C LEU B 240 19.71 -15.08 35.24
N ILE B 241 19.22 -16.18 35.80
CA ILE B 241 19.69 -17.49 35.36
C ILE B 241 19.32 -17.73 33.91
N ILE B 242 18.06 -17.49 33.54
CA ILE B 242 17.65 -17.75 32.17
C ILE B 242 18.39 -16.83 31.21
N MET B 243 18.69 -15.60 31.62
CA MET B 243 19.47 -14.73 30.76
C MET B 243 20.87 -15.27 30.56
N PHE B 244 21.48 -15.80 31.62
CA PHE B 244 22.87 -16.25 31.52
C PHE B 244 22.99 -17.52 30.69
N ILE B 245 22.03 -18.45 30.81
CA ILE B 245 22.15 -19.69 30.05
C ILE B 245 22.08 -19.47 28.55
N GLY B 246 21.69 -18.27 28.10
CA GLY B 246 21.71 -17.93 26.69
C GLY B 246 20.41 -17.42 26.12
N VAL B 247 19.36 -17.28 26.90
CA VAL B 247 18.09 -16.78 26.34
C VAL B 247 18.28 -15.31 25.97
N PRO B 248 17.67 -14.84 24.88
CA PRO B 248 17.81 -13.41 24.55
C PRO B 248 17.22 -12.53 25.63
N VAL B 249 17.78 -11.33 25.75
CA VAL B 249 17.33 -10.40 26.79
C VAL B 249 15.87 -10.04 26.59
N GLY B 250 15.47 -9.79 25.34
CA GLY B 250 14.11 -9.35 25.07
C GLY B 250 13.07 -10.36 25.52
N TRP B 251 13.37 -11.65 25.41
CA TRP B 251 12.42 -12.66 25.85
C TRP B 251 12.49 -12.91 27.34
N SER B 252 13.69 -12.81 27.94
CA SER B 252 13.80 -13.02 29.38
C SER B 252 13.09 -11.93 30.16
N LEU B 253 13.15 -10.68 29.67
CA LEU B 253 12.41 -9.61 30.33
C LEU B 253 10.92 -9.90 30.34
N PHE B 254 10.40 -10.52 29.28
CA PHE B 254 8.98 -10.88 29.23
C PHE B 254 8.67 -12.05 30.17
N ILE B 255 9.54 -13.06 30.17
CA ILE B 255 9.32 -14.24 31.00
C ILE B 255 9.30 -13.87 32.48
N ALA B 256 10.19 -12.99 32.90
CA ALA B 256 10.24 -12.61 34.31
C ALA B 256 8.92 -11.96 34.74
N THR B 257 8.40 -11.04 33.93
CA THR B 257 7.14 -10.38 34.27
C THR B 257 5.99 -11.38 34.29
N LEU B 258 5.96 -12.30 33.31
CA LEU B 258 4.90 -13.30 33.30
C LEU B 258 4.95 -14.17 34.55
N LEU B 259 6.14 -14.58 34.96
CA LEU B 259 6.26 -15.37 36.18
C LEU B 259 5.82 -14.58 37.39
N TYR B 260 6.19 -13.31 37.47
CA TYR B 260 5.77 -12.50 38.60
C TYR B 260 4.25 -12.43 38.69
N PHE B 261 3.59 -12.16 37.57
CA PHE B 261 2.14 -12.05 37.59
C PHE B 261 1.50 -13.38 37.94
N SER B 262 2.00 -14.48 37.38
CA SER B 262 1.45 -15.79 37.70
C SER B 262 1.64 -16.13 39.18
N MET B 263 2.70 -15.60 39.79
CA MET B 263 2.99 -15.93 41.19
C MET B 263 2.04 -15.26 42.16
N THR B 264 1.42 -14.12 41.79
CA THR B 264 0.63 -13.34 42.73
C THR B 264 -0.85 -13.27 42.34
N ARG B 265 -1.18 -12.74 41.15
CA ARG B 265 -2.57 -12.65 40.71
C ARG B 265 -2.57 -12.41 39.21
N TRP B 266 -3.08 -13.38 38.44
CA TRP B 266 -2.85 -13.38 37.01
C TRP B 266 -3.63 -12.29 36.29
N ASN B 267 -4.91 -12.12 36.65
CA ASN B 267 -5.80 -11.29 35.84
C ASN B 267 -5.34 -9.84 35.75
N VAL B 268 -4.33 -9.44 36.53
CA VAL B 268 -3.80 -8.08 36.44
C VAL B 268 -2.95 -7.86 35.20
N VAL B 269 -2.56 -8.93 34.50
CA VAL B 269 -1.70 -8.77 33.33
C VAL B 269 -2.41 -8.00 32.23
N ASN B 270 -3.73 -8.08 32.19
CA ASN B 270 -4.48 -7.45 31.10
C ASN B 270 -4.34 -5.93 31.12
N ALA B 271 -4.31 -5.33 32.31
CA ALA B 271 -4.13 -3.90 32.40
C ALA B 271 -2.76 -3.49 31.85
N ALA B 272 -1.72 -4.25 32.15
CA ALA B 272 -0.37 -3.88 31.75
C ALA B 272 -0.06 -4.24 30.31
N THR B 273 -0.82 -5.15 29.70
CA THR B 273 -0.48 -5.61 28.37
C THR B 273 -0.60 -4.53 27.30
N GLU B 274 -1.27 -3.41 27.59
CA GLU B 274 -1.43 -2.37 26.57
C GLU B 274 -0.13 -1.62 26.32
N LYS B 275 0.76 -1.57 27.31
CA LYS B 275 2.03 -0.89 27.12
C LYS B 275 2.84 -1.52 26.01
N LEU B 276 2.71 -2.83 25.81
CA LEU B 276 3.44 -3.50 24.75
C LEU B 276 3.24 -2.79 23.41
N VAL B 277 2.01 -2.39 23.11
CA VAL B 277 1.72 -1.70 21.87
C VAL B 277 1.93 -0.21 21.99
N TYR B 278 1.56 0.39 23.13
CA TYR B 278 1.68 1.83 23.27
C TYR B 278 3.13 2.30 23.25
N SER B 279 4.09 1.42 23.56
CA SER B 279 5.48 1.84 23.61
C SER B 279 6.00 2.25 22.24
N LEU B 280 5.66 1.48 21.19
CA LEU B 280 6.14 1.79 19.86
C LEU B 280 5.47 3.02 19.26
N ASP B 281 4.26 3.35 19.70
CA ASP B 281 3.55 4.53 19.22
C ASP B 281 4.11 5.79 19.89
N SER B 282 5.39 6.04 19.62
CA SER B 282 6.14 7.14 20.22
C SER B 282 6.85 7.90 19.13
N PHE B 283 6.81 9.23 19.22
CA PHE B 283 7.44 10.07 18.20
C PHE B 283 8.94 10.16 18.42
N PRO B 284 9.41 10.37 19.66
CA PRO B 284 10.87 10.40 19.86
C PRO B 284 11.56 9.13 19.41
N LEU B 285 10.94 7.97 19.61
CA LEU B 285 11.55 6.71 19.18
C LEU B 285 11.69 6.63 17.67
N LEU B 286 10.95 7.44 16.92
CA LEU B 286 10.96 7.37 15.47
C LEU B 286 12.27 7.86 14.86
N ALA B 287 13.14 8.50 15.64
CA ALA B 287 14.37 9.06 15.10
C ALA B 287 15.47 8.03 14.91
N VAL B 288 15.33 6.84 15.50
CA VAL B 288 16.36 5.82 15.44
C VAL B 288 16.57 5.36 13.99
N PRO B 289 15.55 4.84 13.32
CA PRO B 289 15.77 4.31 11.96
C PRO B 289 16.31 5.34 11.00
N PHE B 290 15.91 6.59 11.12
CA PHE B 290 16.38 7.60 10.18
C PHE B 290 17.83 7.98 10.43
N TYR B 291 18.25 8.04 11.69
CA TYR B 291 19.66 8.24 11.97
C TYR B 291 20.49 7.07 11.45
N ILE B 292 19.98 5.85 11.63
CA ILE B 292 20.70 4.68 11.12
C ILE B 292 20.81 4.76 9.60
N LEU B 293 19.73 5.15 8.92
CA LEU B 293 19.76 5.27 7.47
C LEU B 293 20.75 6.34 7.04
N THR B 294 20.78 7.47 7.74
CA THR B 294 21.75 8.51 7.40
C THR B 294 23.17 7.99 7.53
N GLY B 295 23.45 7.27 8.62
CA GLY B 295 24.78 6.70 8.78
C GLY B 295 25.13 5.73 7.67
N ILE B 296 24.19 4.85 7.31
CA ILE B 296 24.44 3.87 6.25
C ILE B 296 24.73 4.58 4.94
N LEU B 297 23.92 5.58 4.61
CA LEU B 297 24.10 6.29 3.35
C LEU B 297 25.45 7.02 3.32
N MET B 298 25.82 7.68 4.42
CA MET B 298 27.05 8.43 4.44
C MET B 298 28.29 7.54 4.56
N ASN B 299 28.11 6.27 4.95
CA ASN B 299 29.25 5.37 5.10
C ASN B 299 29.76 4.81 3.77
N THR B 300 29.33 5.35 2.64
CA THR B 300 29.82 4.84 1.36
C THR B 300 31.30 5.15 1.21
N GLY B 301 31.96 4.39 0.32
CA GLY B 301 33.40 4.52 0.17
C GLY B 301 33.82 5.87 -0.36
N GLY B 302 33.03 6.45 -1.28
CA GLY B 302 33.44 7.70 -1.89
C GLY B 302 33.52 8.85 -0.91
N ILE B 303 32.49 8.99 -0.07
CA ILE B 303 32.44 10.11 0.85
C ILE B 303 33.58 10.03 1.86
N THR B 304 33.80 8.84 2.42
CA THR B 304 34.85 8.66 3.41
C THR B 304 36.21 9.03 2.83
N GLU B 305 36.44 8.70 1.55
CA GLU B 305 37.71 9.05 0.93
C GLU B 305 37.92 10.56 0.91
N ARG B 306 36.88 11.31 0.54
CA ARG B 306 37.00 12.77 0.51
C ARG B 306 37.26 13.33 1.90
N ILE B 307 36.50 12.85 2.88
CA ILE B 307 36.65 13.37 4.24
C ILE B 307 38.05 13.11 4.76
N PHE B 308 38.53 11.87 4.58
CA PHE B 308 39.86 11.53 5.06
C PHE B 308 40.94 12.32 4.32
N ASN B 309 40.77 12.53 3.01
CA ASN B 309 41.75 13.31 2.28
C ASN B 309 41.83 14.72 2.82
N PHE B 310 40.68 15.33 3.11
CA PHE B 310 40.69 16.67 3.68
C PHE B 310 41.38 16.68 5.03
N ALA B 311 41.03 15.73 5.89
CA ALA B 311 41.63 15.70 7.22
C ALA B 311 43.14 15.54 7.14
N LYS B 312 43.61 14.66 6.25
CA LYS B 312 45.04 14.45 6.09
C LYS B 312 45.72 15.71 5.57
N ALA B 313 45.12 16.38 4.59
CA ALA B 313 45.71 17.61 4.09
C ALA B 313 45.74 18.69 5.16
N LEU B 314 44.84 18.61 6.15
CA LEU B 314 44.78 19.65 7.17
C LEU B 314 45.77 19.40 8.31
N LEU B 315 45.66 18.24 8.97
CA LEU B 315 46.36 17.99 10.22
C LEU B 315 47.60 17.12 10.06
N GLY B 316 48.11 16.94 8.85
CA GLY B 316 49.08 15.90 8.61
C GLY B 316 50.52 16.22 8.96
N HIS B 317 50.85 17.48 9.22
CA HIS B 317 52.24 17.91 9.26
C HIS B 317 52.75 18.22 10.66
N TYR B 318 52.04 17.77 11.69
CA TYR B 318 52.38 18.11 13.08
C TYR B 318 52.95 16.91 13.81
N THR B 319 53.70 17.21 14.88
CA THR B 319 54.21 16.16 15.77
C THR B 319 53.04 15.33 16.29
N GLY B 320 52.96 14.07 15.85
CA GLY B 320 51.80 13.25 16.12
C GLY B 320 51.05 12.98 14.84
N GLY B 321 50.92 14.01 14.00
CA GLY B 321 50.54 13.82 12.61
C GLY B 321 49.35 12.92 12.38
N MET B 322 49.62 11.74 11.82
CA MET B 322 48.56 10.84 11.40
C MET B 322 47.63 10.46 12.55
N GLY B 323 48.13 10.47 13.78
CA GLY B 323 47.23 10.29 14.90
C GLY B 323 46.22 11.41 15.01
N HIS B 324 46.69 12.66 14.89
CA HIS B 324 45.77 13.80 14.86
C HIS B 324 44.80 13.66 13.70
N VAL B 325 45.29 13.21 12.54
CA VAL B 325 44.43 13.06 11.37
C VAL B 325 43.32 12.06 11.66
N ASN B 326 43.67 10.92 12.26
CA ASN B 326 42.69 9.90 12.57
C ASN B 326 41.66 10.42 13.56
N ILE B 327 42.12 11.11 14.61
CA ILE B 327 41.19 11.64 15.61
C ILE B 327 40.25 12.65 14.98
N GLY B 328 40.78 13.53 14.13
CA GLY B 328 39.92 14.51 13.48
C GLY B 328 38.91 13.88 12.56
N ALA B 329 39.32 12.86 11.80
CA ALA B 329 38.38 12.17 10.93
C ALA B 329 37.28 11.51 11.73
N SER B 330 37.64 10.86 12.85
CA SER B 330 36.63 10.25 13.70
C SER B 330 35.67 11.30 14.25
N LEU B 331 36.19 12.45 14.69
CA LEU B 331 35.33 13.50 15.19
C LEU B 331 34.37 13.99 14.10
N LEU B 332 34.88 14.17 12.88
CA LEU B 332 34.03 14.62 11.79
C LEU B 332 32.93 13.61 11.51
N PHE B 333 33.27 12.32 11.47
CA PHE B 333 32.25 11.31 11.19
C PHE B 333 31.29 11.12 12.35
N SER B 334 31.67 11.55 13.56
CA SER B 334 30.77 11.41 14.70
C SER B 334 29.48 12.18 14.49
N GLY B 335 29.58 13.39 13.94
CA GLY B 335 28.42 14.24 13.74
C GLY B 335 27.34 13.63 12.88
N MET B 336 27.67 12.67 12.03
CA MET B 336 26.70 11.97 11.19
C MET B 336 26.38 10.58 11.70
N SER B 337 27.37 9.84 12.17
CA SER B 337 27.14 8.48 12.62
C SER B 337 26.65 8.47 14.07
N GLY B 338 25.75 7.52 14.37
CA GLY B 338 25.23 7.32 15.70
C GLY B 338 25.83 6.15 16.44
N SER B 339 26.92 5.55 15.94
CA SER B 339 27.52 4.40 16.57
C SER B 339 29.02 4.42 16.33
N ALA B 340 29.74 3.67 17.17
CA ALA B 340 31.20 3.65 17.12
C ALA B 340 31.74 2.57 16.19
N LEU B 341 31.21 1.35 16.30
CA LEU B 341 31.74 0.24 15.51
C LEU B 341 31.63 0.53 14.02
N ALA B 342 30.59 1.24 13.59
CA ALA B 342 30.49 1.61 12.19
C ALA B 342 31.67 2.46 11.76
N ASP B 343 32.02 3.46 12.57
CA ASP B 343 33.18 4.29 12.25
C ASP B 343 34.46 3.47 12.27
N ALA B 344 34.59 2.57 13.24
CA ALA B 344 35.80 1.77 13.33
C ALA B 344 35.98 0.89 12.10
N GLY B 345 34.90 0.27 11.64
CA GLY B 345 34.95 -0.59 10.48
C GLY B 345 34.83 0.11 9.13
N GLY B 346 34.58 1.42 9.12
CA GLY B 346 34.45 2.14 7.87
C GLY B 346 35.71 2.84 7.42
N LEU B 347 36.56 3.23 8.37
CA LEU B 347 37.74 4.01 8.07
C LEU B 347 39.06 3.34 8.44
N GLY B 348 39.04 2.28 9.25
CA GLY B 348 40.29 1.72 9.74
C GLY B 348 41.24 1.31 8.62
N GLN B 349 40.70 0.63 7.61
CA GLN B 349 41.54 0.17 6.51
C GLN B 349 42.35 1.30 5.90
N LEU B 350 41.78 2.51 5.84
CA LEU B 350 42.46 3.66 5.26
C LEU B 350 43.39 4.33 6.24
N GLU B 351 42.92 4.61 7.45
CA GLU B 351 43.74 5.33 8.43
C GLU B 351 44.98 4.53 8.81
N ILE B 352 44.82 3.23 9.06
CA ILE B 352 45.92 2.44 9.57
C ILE B 352 47.05 2.38 8.54
N LYS B 353 46.71 2.36 7.26
CA LYS B 353 47.74 2.38 6.23
C LYS B 353 48.61 3.63 6.36
N ALA B 354 47.96 4.79 6.52
CA ALA B 354 48.71 6.04 6.63
C ALA B 354 49.58 6.04 7.88
N MET B 355 49.03 5.62 9.01
CA MET B 355 49.82 5.66 10.24
C MET B 355 50.99 4.69 10.17
N ARG B 356 50.77 3.48 9.65
CA ARG B 356 51.84 2.51 9.52
C ARG B 356 52.94 3.03 8.60
N ASP B 357 52.55 3.58 7.44
CA ASP B 357 53.53 4.07 6.49
C ASP B 357 54.34 5.22 7.07
N ALA B 358 53.72 6.07 7.88
CA ALA B 358 54.41 7.23 8.44
C ALA B 358 55.57 6.83 9.36
N GLY B 359 55.54 5.63 9.91
CA GLY B 359 56.53 5.19 10.86
C GLY B 359 55.98 4.81 12.22
N TYR B 360 54.68 4.58 12.34
CA TYR B 360 54.07 4.23 13.62
C TYR B 360 54.10 2.73 13.82
N ASP B 361 54.34 2.30 15.06
CA ASP B 361 54.29 0.89 15.37
C ASP B 361 52.87 0.36 15.17
N ASP B 362 52.74 -0.97 15.17
CA ASP B 362 51.43 -1.58 14.94
C ASP B 362 50.55 -1.46 16.17
N ASP B 363 51.11 -1.67 17.36
CA ASP B 363 50.30 -1.61 18.58
C ASP B 363 49.75 -0.21 18.81
N ILE B 364 50.57 0.81 18.60
CA ILE B 364 50.10 2.19 18.81
C ILE B 364 49.01 2.53 17.82
N CYS B 365 49.19 2.17 16.54
CA CYS B 365 48.17 2.48 15.55
C CYS B 365 46.86 1.76 15.86
N GLY B 366 46.95 0.48 16.23
CA GLY B 366 45.74 -0.23 16.63
C GLY B 366 45.06 0.41 17.83
N GLY B 367 45.85 0.83 18.82
CA GLY B 367 45.28 1.48 19.98
C GLY B 367 44.57 2.77 19.64
N ILE B 368 45.21 3.60 18.81
CA ILE B 368 44.59 4.86 18.41
C ILE B 368 43.29 4.58 17.66
N THR B 369 43.32 3.63 16.72
CA THR B 369 42.12 3.34 15.94
C THR B 369 41.00 2.85 16.84
N ALA B 370 41.31 1.98 17.80
CA ALA B 370 40.28 1.47 18.70
C ALA B 370 39.74 2.56 19.60
N ALA B 371 40.61 3.43 20.12
CA ALA B 371 40.19 4.42 21.11
C ALA B 371 39.38 5.54 20.47
N SER B 372 39.76 5.97 19.26
CA SER B 372 39.08 7.09 18.63
C SER B 372 37.63 6.79 18.26
N CYS B 373 37.21 5.52 18.30
CA CYS B 373 35.89 5.15 17.84
C CYS B 373 34.79 5.54 18.81
N ILE B 374 35.10 5.75 20.10
CA ILE B 374 34.07 6.04 21.08
C ILE B 374 33.55 7.47 21.00
N ILE B 375 34.07 8.28 20.09
CA ILE B 375 33.56 9.64 19.95
C ILE B 375 32.14 9.64 19.40
N GLY B 376 31.83 8.73 18.49
CA GLY B 376 30.57 8.74 17.79
C GLY B 376 29.36 8.65 18.68
N PRO B 377 29.35 7.68 19.61
CA PRO B 377 28.20 7.55 20.53
C PRO B 377 28.01 8.72 21.46
N LEU B 378 29.03 9.55 21.68
CA LEU B 378 28.94 10.67 22.60
C LEU B 378 28.52 11.97 21.92
N VAL B 379 29.21 12.36 20.87
CA VAL B 379 28.82 13.56 20.13
C VAL B 379 27.48 13.30 19.45
N PRO B 380 26.48 14.17 19.61
CA PRO B 380 25.17 13.86 19.04
C PRO B 380 25.21 13.93 17.53
N PRO B 381 24.35 13.16 16.84
CA PRO B 381 23.32 12.26 17.36
C PRO B 381 23.89 10.96 17.92
N SER B 382 23.15 10.27 18.78
CA SER B 382 23.63 9.03 19.38
C SER B 382 22.44 8.15 19.72
N ILE B 383 22.52 6.88 19.36
CA ILE B 383 21.43 5.95 19.63
C ILE B 383 21.29 5.69 21.12
N ALA B 384 22.42 5.62 21.83
CA ALA B 384 22.37 5.33 23.26
C ALA B 384 21.60 6.39 24.02
N MET B 385 21.83 7.66 23.69
CA MET B 385 21.11 8.74 24.35
C MET B 385 19.62 8.68 24.04
N ILE B 386 19.27 8.33 22.80
CA ILE B 386 17.86 8.19 22.45
C ILE B 386 17.21 7.09 23.28
N ILE B 387 17.88 5.95 23.41
CA ILE B 387 17.34 4.86 24.20
C ILE B 387 17.17 5.28 25.65
N TYR B 388 18.17 5.95 26.21
CA TYR B 388 18.08 6.39 27.60
C TYR B 388 16.93 7.37 27.78
N GLY B 389 16.78 8.32 26.86
CA GLY B 389 15.68 9.27 26.98
C GLY B 389 14.33 8.60 26.87
N VAL B 390 14.19 7.63 25.98
CA VAL B 390 12.93 6.90 25.86
C VAL B 390 12.62 6.15 27.14
N ILE B 391 13.62 5.49 27.72
CA ILE B 391 13.38 4.70 28.93
C ILE B 391 13.06 5.61 30.11
N ALA B 392 13.76 6.74 30.23
CA ALA B 392 13.61 7.65 31.36
C ALA B 392 12.63 8.78 31.09
N ASN B 393 12.01 8.83 29.93
CA ASN B 393 11.04 9.87 29.58
C ASN B 393 11.65 11.27 29.62
N GLU B 394 12.94 11.39 29.32
CA GLU B 394 13.61 12.68 29.28
C GLU B 394 13.66 13.21 27.85
N SER B 395 13.87 14.52 27.72
CA SER B 395 13.92 15.16 26.42
C SER B 395 15.26 14.86 25.75
N ILE B 396 15.21 14.44 24.49
CA ILE B 396 16.42 14.04 23.79
C ILE B 396 17.33 15.23 23.54
N ALA B 397 16.74 16.40 23.24
CA ALA B 397 17.56 17.56 22.90
C ALA B 397 18.47 17.95 24.06
N LYS B 398 17.94 17.97 25.28
CA LYS B 398 18.77 18.29 26.43
C LYS B 398 19.89 17.29 26.60
N LEU B 399 19.58 16.01 26.38
CA LEU B 399 20.63 14.98 26.49
C LEU B 399 21.73 15.22 25.47
N PHE B 400 21.36 15.52 24.23
CA PHE B 400 22.37 15.78 23.20
C PHE B 400 23.24 16.97 23.57
N ILE B 401 22.60 18.06 23.98
CA ILE B 401 23.36 19.26 24.32
C ILE B 401 24.30 19.00 25.49
N ALA B 402 23.80 18.28 26.50
CA ALA B 402 24.64 17.97 27.66
C ALA B 402 25.82 17.08 27.26
N GLY B 403 25.58 16.09 26.41
CA GLY B 403 26.64 15.16 26.04
C GLY B 403 27.61 15.68 25.01
N PHE B 404 27.32 16.81 24.38
CA PHE B 404 28.26 17.37 23.41
C PHE B 404 29.63 17.62 24.04
N ILE B 405 29.67 18.28 25.20
CA ILE B 405 30.95 18.73 25.76
C ILE B 405 31.89 17.56 26.08
N PRO B 406 31.44 16.49 26.72
CA PRO B 406 32.37 15.37 26.98
C PRO B 406 33.07 14.86 25.74
N GLY B 407 32.40 14.86 24.58
CA GLY B 407 33.07 14.47 23.36
C GLY B 407 34.26 15.35 23.04
N VAL B 408 34.08 16.67 23.17
CA VAL B 408 35.18 17.58 22.89
C VAL B 408 36.31 17.39 23.90
N LEU B 409 35.98 17.21 25.18
CA LEU B 409 37.02 17.00 26.17
C LEU B 409 37.81 15.72 25.86
N ILE B 410 37.11 14.65 25.50
CA ILE B 410 37.79 13.39 25.19
C ILE B 410 38.68 13.57 23.98
N THR B 411 38.20 14.28 22.95
CA THR B 411 39.00 14.48 21.75
C THR B 411 40.29 15.23 22.08
N LEU B 412 40.17 16.31 22.86
CA LEU B 412 41.37 17.08 23.20
C LEU B 412 42.34 16.24 24.03
N ALA B 413 41.83 15.45 24.97
CA ALA B 413 42.71 14.61 25.78
C ALA B 413 43.42 13.58 24.92
N LEU B 414 42.71 12.97 23.97
CA LEU B 414 43.33 12.01 23.07
C LEU B 414 44.43 12.66 22.24
N MET B 415 44.18 13.86 21.73
CA MET B 415 45.20 14.56 20.97
C MET B 415 46.43 14.81 21.83
N ALA B 416 46.23 15.24 23.08
CA ALA B 416 47.38 15.48 23.96
C ALA B 416 48.18 14.20 24.19
N MET B 417 47.50 13.09 24.46
CA MET B 417 48.22 11.84 24.72
C MET B 417 48.96 11.37 23.48
N ASN B 418 48.33 11.47 22.31
CA ASN B 418 48.99 11.07 21.07
C ASN B 418 50.23 11.91 20.82
N TYR B 419 50.14 13.22 21.05
CA TYR B 419 51.32 14.07 20.91
C TYR B 419 52.43 13.61 21.86
N ARG B 420 52.07 13.34 23.12
CA ARG B 420 53.09 12.93 24.08
C ARG B 420 53.78 11.65 23.63
N ILE B 421 53.01 10.66 23.20
CA ILE B 421 53.59 9.38 22.80
C ILE B 421 54.49 9.56 21.57
N ALA B 422 54.00 10.28 20.56
CA ALA B 422 54.77 10.46 19.34
C ALA B 422 56.07 11.19 19.63
N LYS B 423 56.02 12.22 20.49
CA LYS B 423 57.25 12.93 20.83
C LYS B 423 58.21 12.01 21.58
N LYS B 424 57.69 11.20 22.51
CA LYS B 424 58.56 10.34 23.29
C LYS B 424 59.27 9.32 22.41
N ARG B 425 58.55 8.72 21.46
CA ARG B 425 59.12 7.64 20.67
C ARG B 425 59.94 8.13 19.49
N GLY B 426 60.04 9.44 19.28
CA GLY B 426 60.90 9.97 18.25
C GLY B 426 60.49 9.65 16.83
N TYR B 427 59.21 9.72 16.51
CA TYR B 427 58.79 9.58 15.12
C TYR B 427 59.13 10.86 14.35
N PRO B 428 59.22 10.77 13.03
CA PRO B 428 59.51 11.96 12.23
C PRO B 428 58.25 12.77 11.95
N ARG B 429 58.45 13.91 11.28
CA ARG B 429 57.36 14.78 10.88
C ARG B 429 57.14 14.71 9.39
N THR B 430 55.88 14.59 8.99
CA THR B 430 55.54 14.56 7.57
C THR B 430 55.73 15.94 6.94
N PRO B 431 55.87 16.00 5.62
CA PRO B 431 56.07 17.30 4.97
C PRO B 431 54.84 18.19 5.10
N LYS B 432 55.09 19.49 5.12
CA LYS B 432 54.01 20.46 5.17
C LYS B 432 53.29 20.52 3.83
N ALA B 433 51.97 20.40 3.86
CA ALA B 433 51.17 20.48 2.65
C ALA B 433 51.06 21.93 2.18
N THR B 434 51.08 22.10 0.87
CA THR B 434 50.96 23.42 0.27
C THR B 434 49.49 23.79 0.11
N ARG B 435 49.25 25.09 -0.12
CA ARG B 435 47.89 25.62 -0.01
C ARG B 435 46.95 25.00 -1.02
N GLU B 436 47.42 24.79 -2.26
CA GLU B 436 46.52 24.38 -3.32
C GLU B 436 45.88 23.03 -3.03
N GLN B 437 46.63 22.11 -2.43
CA GLN B 437 46.05 20.83 -2.05
C GLN B 437 44.97 21.00 -0.99
N LEU B 438 45.19 21.91 -0.03
CA LEU B 438 44.15 22.19 0.96
C LEU B 438 42.91 22.75 0.29
N CYS B 439 43.09 23.69 -0.64
CA CYS B 439 41.94 24.27 -1.33
C CYS B 439 41.16 23.19 -2.08
N SER B 440 41.87 22.34 -2.82
CA SER B 440 41.20 21.32 -3.64
C SER B 440 40.53 20.27 -2.77
N SER B 441 41.18 19.84 -1.69
CA SER B 441 40.56 18.86 -0.80
C SER B 441 39.31 19.43 -0.15
N PHE B 442 39.38 20.67 0.32
CA PHE B 442 38.21 21.31 0.91
C PHE B 442 37.09 21.44 -0.12
N LYS B 443 37.44 21.83 -1.34
CA LYS B 443 36.43 21.97 -2.38
C LYS B 443 35.75 20.64 -2.66
N GLN B 444 36.53 19.55 -2.71
CA GLN B 444 35.94 18.25 -2.96
C GLN B 444 35.03 17.83 -1.81
N SER B 445 35.44 18.04 -0.57
CA SER B 445 34.72 17.51 0.57
C SER B 445 33.58 18.40 1.05
N PHE B 446 33.51 19.64 0.57
CA PHE B 446 32.55 20.63 1.06
C PHE B 446 31.17 20.07 1.38
N TRP B 447 30.51 19.50 0.37
CA TRP B 447 29.12 19.09 0.57
C TRP B 447 29.00 17.99 1.61
N ALA B 448 29.91 17.03 1.59
CA ALA B 448 29.87 15.95 2.57
C ALA B 448 30.08 16.50 3.98
N ILE B 449 31.08 17.36 4.16
CA ILE B 449 31.40 17.87 5.49
C ILE B 449 30.39 18.89 5.97
N LEU B 450 29.48 19.35 5.11
CA LEU B 450 28.47 20.30 5.55
C LEU B 450 27.43 19.65 6.46
N THR B 451 27.21 18.34 6.36
CA THR B 451 26.09 17.71 7.05
C THR B 451 26.15 17.83 8.56
N PRO B 452 27.27 17.52 9.23
CA PRO B 452 27.28 17.63 10.69
C PRO B 452 26.91 19.02 11.19
N LEU B 453 27.38 20.06 10.49
CA LEU B 453 26.98 21.41 10.85
C LEU B 453 25.47 21.57 10.71
N LEU B 454 24.89 21.01 9.65
CA LEU B 454 23.45 21.06 9.48
C LEU B 454 22.74 20.48 10.69
N ILE B 455 23.11 19.26 11.09
CA ILE B 455 22.41 18.60 12.19
C ILE B 455 22.59 19.38 13.48
N ILE B 456 23.83 19.78 13.78
CA ILE B 456 24.11 20.43 15.05
C ILE B 456 23.40 21.78 15.13
N GLY B 457 23.41 22.54 14.04
CA GLY B 457 22.67 23.80 14.04
C GLY B 457 21.17 23.61 14.17
N GLY B 458 20.64 22.61 13.47
CA GLY B 458 19.21 22.36 13.56
C GLY B 458 18.77 21.99 14.96
N ILE B 459 19.60 21.24 15.68
CA ILE B 459 19.20 20.80 17.03
C ILE B 459 19.47 21.89 18.06
N PHE B 460 20.68 22.44 18.06
CA PHE B 460 21.07 23.39 19.10
C PHE B 460 20.21 24.64 19.06
N SER B 461 19.98 25.21 17.88
CA SER B 461 19.26 26.45 17.75
C SER B 461 17.77 26.32 18.05
N GLY B 462 17.27 25.10 18.19
CA GLY B 462 15.85 24.90 18.41
C GLY B 462 15.01 24.99 17.16
N LEU B 463 15.64 25.10 15.99
CA LEU B 463 14.89 25.18 14.75
C LEU B 463 14.10 23.89 14.50
N PHE B 464 14.70 22.74 14.80
CA PHE B 464 14.08 21.46 14.56
C PHE B 464 14.12 20.62 15.84
N SER B 465 13.17 19.69 15.94
CA SER B 465 13.23 18.65 16.94
C SER B 465 14.12 17.51 16.43
N PRO B 466 14.61 16.65 17.33
CA PRO B 466 15.52 15.59 16.90
C PRO B 466 14.99 14.73 15.76
N THR B 467 13.70 14.38 15.78
CA THR B 467 13.13 13.60 14.68
C THR B 467 13.15 14.38 13.38
N GLU B 468 12.76 15.66 13.44
CA GLU B 468 12.80 16.49 12.24
C GLU B 468 14.23 16.64 11.74
N SER B 469 15.19 16.79 12.65
CA SER B 469 16.58 16.90 12.25
C SER B 469 17.05 15.63 11.56
N ALA B 470 16.65 14.46 12.08
CA ALA B 470 17.01 13.21 11.44
C ALA B 470 16.43 13.13 10.04
N ILE B 471 15.15 13.51 9.89
CA ILE B 471 14.52 13.48 8.57
C ILE B 471 15.26 14.39 7.60
N VAL B 472 15.59 15.61 8.05
CA VAL B 472 16.28 16.57 7.19
C VAL B 472 17.64 16.03 6.78
N ALA B 473 18.38 15.45 7.73
CA ALA B 473 19.69 14.91 7.40
C ALA B 473 19.59 13.77 6.40
N ALA B 474 18.61 12.89 6.58
CA ALA B 474 18.43 11.78 5.64
C ALA B 474 18.13 12.30 4.24
N ALA B 475 17.22 13.29 4.15
CA ALA B 475 16.88 13.84 2.85
C ALA B 475 18.09 14.49 2.19
N TYR B 476 18.86 15.26 2.95
CA TYR B 476 20.03 15.92 2.40
C TYR B 476 21.06 14.90 1.91
N SER B 477 21.28 13.84 2.70
CA SER B 477 22.23 12.81 2.28
C SER B 477 21.76 12.13 1.01
N VAL B 478 20.47 11.83 0.90
CA VAL B 478 19.95 11.21 -0.32
C VAL B 478 20.17 12.13 -1.51
N ILE B 479 19.87 13.41 -1.35
CA ILE B 479 20.03 14.36 -2.46
C ILE B 479 21.49 14.41 -2.90
N ILE B 480 22.40 14.52 -1.93
CA ILE B 480 23.82 14.64 -2.28
C ILE B 480 24.30 13.36 -2.97
N GLY B 481 23.92 12.20 -2.45
CA GLY B 481 24.36 10.96 -3.06
C GLY B 481 23.82 10.80 -4.47
N LYS B 482 22.57 11.19 -4.70
CA LYS B 482 21.98 11.01 -6.01
C LYS B 482 22.56 11.98 -7.03
N PHE B 483 22.71 13.25 -6.66
CA PHE B 483 23.00 14.30 -7.64
C PHE B 483 24.45 14.74 -7.66
N VAL B 484 25.02 15.09 -6.50
CA VAL B 484 26.33 15.74 -6.49
C VAL B 484 27.47 14.73 -6.52
N TYR B 485 27.19 13.45 -6.24
CA TYR B 485 28.21 12.42 -6.26
C TYR B 485 27.84 11.22 -7.13
N LYS B 486 26.57 11.07 -7.50
CA LYS B 486 26.10 10.07 -8.44
C LYS B 486 26.28 8.64 -7.94
N GLU B 487 26.52 8.44 -6.65
CA GLU B 487 26.79 7.10 -6.14
C GLU B 487 25.52 6.36 -5.74
N LEU B 488 24.36 7.02 -5.78
CA LEU B 488 23.14 6.43 -5.29
C LEU B 488 22.23 6.00 -6.43
N THR B 489 21.48 4.93 -6.19
CA THR B 489 20.45 4.46 -7.10
C THR B 489 19.25 3.99 -6.28
N LEU B 490 18.10 3.89 -6.94
CA LEU B 490 16.87 3.55 -6.22
C LEU B 490 16.98 2.20 -5.55
N LYS B 491 17.56 1.21 -6.24
CA LYS B 491 17.71 -0.11 -5.63
C LYS B 491 18.60 -0.05 -4.39
N SER B 492 19.69 0.71 -4.47
CA SER B 492 20.56 0.87 -3.30
C SER B 492 19.81 1.51 -2.15
N LEU B 493 18.98 2.52 -2.44
CA LEU B 493 18.20 3.16 -1.39
C LEU B 493 17.23 2.17 -0.75
N PHE B 494 16.57 1.35 -1.57
CA PHE B 494 15.64 0.37 -1.02
C PHE B 494 16.37 -0.63 -0.14
N ASN B 495 17.54 -1.11 -0.58
CA ASN B 495 18.30 -2.04 0.23
C ASN B 495 18.74 -1.40 1.55
N SER B 496 19.16 -0.13 1.50
CA SER B 496 19.56 0.55 2.71
C SER B 496 18.38 0.69 3.67
N CYS B 497 17.20 1.00 3.14
CA CYS B 497 16.02 1.08 3.99
C CYS B 497 15.71 -0.26 4.65
N ILE B 498 15.83 -1.34 3.88
CA ILE B 498 15.60 -2.67 4.44
C ILE B 498 16.60 -2.96 5.55
N GLU B 499 17.86 -2.62 5.33
CA GLU B 499 18.88 -2.85 6.36
C GLU B 499 18.59 -2.05 7.62
N ALA B 500 18.20 -0.78 7.45
CA ALA B 500 17.90 0.05 8.62
C ALA B 500 16.72 -0.51 9.39
N MET B 501 15.68 -0.98 8.69
CA MET B 501 14.55 -1.60 9.37
C MET B 501 14.98 -2.85 10.12
N ALA B 502 15.84 -3.66 9.50
CA ALA B 502 16.32 -4.87 10.17
C ALA B 502 17.07 -4.53 11.44
N ILE B 503 17.89 -3.48 11.40
CA ILE B 503 18.62 -3.07 12.60
C ILE B 503 17.64 -2.58 13.67
N THR B 504 16.64 -1.78 13.28
CA THR B 504 15.70 -1.25 14.26
C THR B 504 14.85 -2.33 14.89
N GLY B 505 14.63 -3.44 14.17
CA GLY B 505 13.81 -4.51 14.72
C GLY B 505 14.37 -5.07 16.01
N VAL B 506 15.69 -5.18 16.10
CA VAL B 506 16.31 -5.73 17.31
C VAL B 506 16.03 -4.82 18.50
N VAL B 507 16.15 -3.50 18.31
CA VAL B 507 15.93 -2.57 19.40
C VAL B 507 14.46 -2.53 19.80
N ALA B 508 13.55 -2.69 18.84
CA ALA B 508 12.13 -2.52 19.13
C ALA B 508 11.67 -3.53 20.19
N LEU B 509 12.05 -4.80 20.04
CA LEU B 509 11.60 -5.81 20.98
C LEU B 509 12.07 -5.51 22.39
N MET B 510 13.34 -5.11 22.54
CA MET B 510 13.85 -4.77 23.85
C MET B 510 13.10 -3.58 24.43
N ILE B 511 12.76 -2.60 23.59
CA ILE B 511 12.02 -1.43 24.08
C ILE B 511 10.68 -1.86 24.64
N MET B 512 9.91 -2.65 23.88
CA MET B 512 8.59 -3.05 24.35
C MET B 512 8.71 -3.86 25.63
N THR B 513 9.63 -4.83 25.67
CA THR B 513 9.68 -5.69 26.84
C THR B 513 10.20 -4.95 28.07
N VAL B 514 11.13 -4.00 27.90
CA VAL B 514 11.60 -3.25 29.06
C VAL B 514 10.51 -2.33 29.58
N THR B 515 9.69 -1.77 28.68
CA THR B 515 8.53 -1.01 29.13
C THR B 515 7.59 -1.90 29.93
N PHE B 516 7.38 -3.13 29.47
CA PHE B 516 6.53 -4.06 30.22
C PHE B 516 7.12 -4.37 31.59
N PHE B 517 8.43 -4.59 31.65
CA PHE B 517 9.10 -4.96 32.90
C PHE B 517 9.12 -3.81 33.90
N GLY B 518 9.20 -2.58 33.41
CA GLY B 518 9.15 -1.43 34.29
C GLY B 518 7.86 -1.37 35.10
N ASP B 519 6.78 -1.92 34.56
CA ASP B 519 5.52 -1.97 35.30
C ASP B 519 5.68 -2.77 36.59
N MET B 520 6.23 -3.98 36.48
CA MET B 520 6.51 -4.77 37.67
C MET B 520 7.45 -4.01 38.61
N ILE B 521 8.52 -3.47 38.06
CA ILE B 521 9.53 -2.83 38.92
C ILE B 521 8.90 -1.69 39.72
N ALA B 522 8.09 -0.86 39.07
CA ALA B 522 7.46 0.25 39.76
C ALA B 522 6.39 -0.21 40.74
N ARG B 523 5.60 -1.21 40.36
CA ARG B 523 4.52 -1.67 41.22
C ARG B 523 5.07 -2.25 42.52
N GLU B 524 6.16 -3.01 42.45
CA GLU B 524 6.68 -3.65 43.65
C GLU B 524 7.56 -2.73 44.48
N GLN B 525 7.91 -1.55 43.97
CA GLN B 525 8.72 -0.58 44.72
C GLN B 525 10.04 -1.20 45.17
N VAL B 526 10.78 -1.75 44.20
CA VAL B 526 12.07 -2.36 44.51
C VAL B 526 13.08 -1.29 44.89
N ALA B 527 13.03 -0.13 44.22
CA ALA B 527 14.02 0.91 44.48
C ALA B 527 13.95 1.41 45.91
N MET B 528 12.73 1.57 46.44
CA MET B 528 12.59 2.03 47.82
C MET B 528 13.21 1.03 48.79
N ARG B 529 12.97 -0.26 48.57
CA ARG B 529 13.54 -1.29 49.44
C ARG B 529 15.06 -1.31 49.34
N VAL B 530 15.59 -1.17 48.13
CA VAL B 530 17.05 -1.15 47.97
C VAL B 530 17.65 0.05 48.70
N ALA B 531 17.02 1.22 48.56
CA ALA B 531 17.51 2.40 49.27
C ALA B 531 17.46 2.21 50.77
N ASP B 532 16.36 1.63 51.28
CA ASP B 532 16.27 1.38 52.71
C ASP B 532 17.33 0.40 53.18
N VAL B 533 17.66 -0.60 52.36
CA VAL B 533 18.74 -1.51 52.72
C VAL B 533 20.06 -0.78 52.77
N PHE B 534 20.33 0.07 51.77
CA PHE B 534 21.60 0.79 51.69
C PHE B 534 21.52 2.08 52.50
N VAL B 535 21.53 1.92 53.81
CA VAL B 535 21.54 3.06 54.73
C VAL B 535 22.97 3.50 54.97
N ALA B 536 23.13 4.69 55.55
CA ALA B 536 24.39 5.32 55.92
C ALA B 536 25.12 5.92 54.71
N VAL B 537 24.63 5.69 53.48
CA VAL B 537 25.21 6.34 52.31
C VAL B 537 24.35 7.49 51.81
N ALA B 538 23.15 7.66 52.35
CA ALA B 538 22.33 8.81 52.00
C ALA B 538 22.99 10.09 52.49
N ASP B 539 22.62 11.20 51.86
CA ASP B 539 23.23 12.51 52.09
C ASP B 539 24.65 12.59 51.52
N SER B 540 25.13 11.51 50.91
CA SER B 540 26.45 11.49 50.28
C SER B 540 26.29 10.90 48.89
N PRO B 541 25.71 11.65 47.95
CA PRO B 541 25.52 11.12 46.59
C PRO B 541 26.82 10.76 45.90
N LEU B 542 27.95 11.34 46.32
CA LEU B 542 29.22 11.01 45.69
C LEU B 542 29.54 9.54 45.84
N THR B 543 29.32 8.98 47.03
CA THR B 543 29.59 7.56 47.24
C THR B 543 28.68 6.69 46.40
N VAL B 544 27.41 7.09 46.25
CA VAL B 544 26.49 6.33 45.42
C VAL B 544 26.95 6.34 43.97
N LEU B 545 27.36 7.51 43.47
CA LEU B 545 27.87 7.60 42.11
C LEU B 545 29.11 6.74 41.94
N ILE B 546 30.01 6.76 42.91
CA ILE B 546 31.23 5.94 42.81
C ILE B 546 30.87 4.47 42.75
N MET B 547 29.93 4.03 43.60
CA MET B 547 29.53 2.62 43.61
C MET B 547 28.91 2.22 42.27
N ILE B 548 28.03 3.06 41.74
CA ILE B 548 27.39 2.74 40.47
C ILE B 548 28.42 2.67 39.35
N ASN B 549 29.37 3.62 39.33
CA ASN B 549 30.39 3.62 38.31
C ASN B 549 31.26 2.38 38.40
N ALA B 550 31.63 1.98 39.61
CA ALA B 550 32.41 0.76 39.78
C ALA B 550 31.66 -0.45 39.27
N LEU B 551 30.37 -0.55 39.61
CA LEU B 551 29.58 -1.69 39.14
C LEU B 551 29.53 -1.72 37.62
N LEU B 552 29.28 -0.58 36.99
CA LEU B 552 29.18 -0.55 35.53
C LEU B 552 30.52 -0.87 34.88
N LEU B 553 31.62 -0.35 35.43
CA LEU B 553 32.93 -0.66 34.88
C LEU B 553 33.23 -2.15 34.98
N PHE B 554 32.90 -2.76 36.12
CA PHE B 554 33.12 -4.20 36.27
C PHE B 554 32.29 -4.98 35.27
N LEU B 555 31.00 -4.64 35.15
CA LEU B 555 30.12 -5.42 34.27
C LEU B 555 30.51 -5.27 32.81
N GLY B 556 30.97 -4.08 32.41
CA GLY B 556 31.28 -3.84 31.02
C GLY B 556 32.41 -4.69 30.49
N MET B 557 33.17 -5.34 31.37
CA MET B 557 34.28 -6.16 30.91
C MET B 557 33.79 -7.43 30.21
N PHE B 558 32.65 -7.98 30.63
CA PHE B 558 32.19 -9.25 30.12
C PHE B 558 30.91 -9.17 29.29
N ILE B 559 30.21 -8.04 29.30
CA ILE B 559 28.92 -7.91 28.63
C ILE B 559 29.00 -6.78 27.61
N ASP B 560 28.38 -6.99 26.46
CA ASP B 560 28.36 -5.97 25.42
C ASP B 560 27.51 -4.77 25.87
N ALA B 561 27.83 -3.61 25.32
CA ALA B 561 27.19 -2.37 25.76
C ALA B 561 25.68 -2.39 25.49
N LEU B 562 25.28 -2.85 24.30
CA LEU B 562 23.88 -2.76 23.93
C LEU B 562 23.00 -3.58 24.87
N ALA B 563 23.41 -4.82 25.15
CA ALA B 563 22.65 -5.64 26.09
C ALA B 563 22.73 -5.08 27.50
N LEU B 564 23.91 -4.59 27.88
CA LEU B 564 24.11 -4.10 29.25
C LEU B 564 23.20 -2.92 29.55
N GLN B 565 23.01 -2.03 28.58
CA GLN B 565 22.15 -0.87 28.79
C GLN B 565 20.74 -1.30 29.20
N PHE B 566 20.13 -2.19 28.42
CA PHE B 566 18.79 -2.65 28.73
C PHE B 566 18.77 -3.46 30.02
N LEU B 567 19.83 -4.23 30.27
CA LEU B 567 19.87 -5.06 31.47
C LEU B 567 19.90 -4.21 32.73
N VAL B 568 20.61 -3.08 32.70
CA VAL B 568 20.93 -2.36 33.93
C VAL B 568 20.05 -1.13 34.15
N LEU B 569 19.66 -0.45 33.08
CA LEU B 569 18.96 0.83 33.26
C LEU B 569 17.66 0.71 34.04
N PRO B 570 16.78 -0.26 33.77
CA PRO B 570 15.50 -0.29 34.49
C PRO B 570 15.66 -0.35 35.99
N MET B 571 16.66 -1.07 36.49
CA MET B 571 16.89 -1.15 37.92
C MET B 571 17.56 0.11 38.47
N LEU B 572 18.34 0.81 37.65
CA LEU B 572 19.15 1.91 38.14
C LEU B 572 18.39 3.22 38.14
N ILE B 573 17.63 3.51 37.08
CA ILE B 573 16.97 4.81 36.98
C ILE B 573 16.07 5.08 38.19
N PRO B 574 15.21 4.16 38.61
CA PRO B 574 14.43 4.44 39.84
C PRO B 574 15.30 4.67 41.06
N ILE B 575 16.39 3.93 41.20
CA ILE B 575 17.29 4.14 42.33
C ILE B 575 17.96 5.51 42.23
N ALA B 576 18.27 5.95 41.01
CA ALA B 576 18.80 7.30 40.83
C ALA B 576 17.78 8.34 41.26
N MET B 577 16.51 8.16 40.86
CA MET B 577 15.47 9.10 41.28
C MET B 577 15.31 9.10 42.79
N GLN B 578 15.56 7.96 43.44
CA GLN B 578 15.38 7.86 44.88
C GLN B 578 16.30 8.82 45.62
N PHE B 579 17.56 8.93 45.17
CA PHE B 579 18.57 9.72 45.86
C PHE B 579 18.61 11.17 45.41
N ASN B 580 17.67 11.59 44.56
CA ASN B 580 17.61 12.98 44.08
C ASN B 580 18.82 13.31 43.21
N ILE B 581 19.15 12.42 42.28
CA ILE B 581 20.22 12.64 41.33
C ILE B 581 19.62 13.11 40.02
N ASP B 582 20.19 14.18 39.46
CA ASP B 582 19.69 14.70 38.20
C ASP B 582 19.75 13.61 37.13
N LEU B 583 18.74 13.59 36.27
CA LEU B 583 18.63 12.51 35.30
C LEU B 583 19.37 12.78 34.00
N ILE B 584 19.53 14.04 33.61
CA ILE B 584 20.35 14.35 32.45
C ILE B 584 21.81 13.99 32.72
N PHE B 585 22.34 14.43 33.87
CA PHE B 585 23.70 14.11 34.24
C PHE B 585 23.87 12.61 34.40
N PHE B 586 22.89 11.94 35.02
CA PHE B 586 22.98 10.50 35.18
C PHE B 586 23.02 9.80 33.83
N GLY B 587 22.20 10.25 32.88
CA GLY B 587 22.21 9.65 31.56
C GLY B 587 23.54 9.82 30.86
N VAL B 588 24.10 11.03 30.92
CA VAL B 588 25.39 11.26 30.29
C VAL B 588 26.46 10.38 30.92
N MET B 589 26.48 10.32 32.26
CA MET B 589 27.50 9.54 32.95
C MET B 589 27.38 8.05 32.60
N THR B 590 26.16 7.52 32.61
CA THR B 590 25.99 6.11 32.30
C THR B 590 26.35 5.81 30.85
N THR B 591 26.00 6.70 29.92
CA THR B 591 26.37 6.48 28.53
C THR B 591 27.88 6.46 28.35
N LEU B 592 28.58 7.39 28.97
CA LEU B 592 30.04 7.39 28.88
C LEU B 592 30.63 6.14 29.51
N ASN B 593 30.11 5.74 30.66
CA ASN B 593 30.63 4.56 31.35
C ASN B 593 30.42 3.30 30.51
N MET B 594 29.28 3.21 29.83
CA MET B 594 29.02 2.04 28.99
C MET B 594 29.85 2.07 27.71
N MET B 595 30.08 3.24 27.13
CA MET B 595 30.93 3.33 25.94
C MET B 595 32.37 2.99 26.27
N VAL B 596 32.82 3.29 27.48
CA VAL B 596 34.15 2.85 27.90
C VAL B 596 34.24 1.33 27.90
N GLY B 597 33.12 0.63 27.89
CA GLY B 597 33.14 -0.83 27.99
C GLY B 597 33.78 -1.51 26.80
N ILE B 598 33.60 -0.96 25.60
CA ILE B 598 34.03 -1.64 24.38
C ILE B 598 35.54 -1.63 24.24
N LEU B 599 36.23 -1.01 25.20
CA LEU B 599 37.69 -0.99 25.22
C LEU B 599 38.30 -1.93 26.24
N THR B 600 37.47 -2.53 27.10
CA THR B 600 37.94 -3.23 28.34
C THR B 600 37.98 -4.74 28.05
N PRO B 601 39.15 -5.40 28.12
CA PRO B 601 39.21 -6.86 28.02
C PRO B 601 38.55 -7.50 29.25
N PRO B 602 37.96 -8.71 29.16
CA PRO B 602 38.15 -9.61 28.01
C PRO B 602 37.44 -9.19 26.71
N MET B 603 36.21 -8.71 26.81
CA MET B 603 35.22 -8.73 25.68
C MET B 603 34.90 -7.31 25.22
N GLY B 604 35.75 -6.73 24.37
CA GLY B 604 35.53 -5.44 23.76
C GLY B 604 35.38 -5.55 22.26
N MET B 605 34.23 -5.14 21.72
CA MET B 605 34.00 -5.26 20.29
C MET B 605 35.00 -4.42 19.51
N ALA B 606 35.36 -3.25 20.03
CA ALA B 606 36.32 -2.39 19.32
C ALA B 606 37.64 -3.11 19.10
N LEU B 607 38.11 -3.84 20.11
CA LEU B 607 39.37 -4.56 19.98
C LEU B 607 39.29 -5.58 18.85
N PHE B 608 38.22 -6.37 18.82
CA PHE B 608 38.09 -7.40 17.80
C PHE B 608 38.00 -6.77 16.40
N VAL B 609 37.19 -5.72 16.26
CA VAL B 609 37.03 -5.10 14.95
C VAL B 609 38.35 -4.51 14.47
N VAL B 610 39.07 -3.83 15.36
CA VAL B 610 40.35 -3.24 14.96
C VAL B 610 41.35 -4.32 14.58
N ALA B 611 41.41 -5.40 15.36
CA ALA B 611 42.34 -6.48 15.05
C ALA B 611 42.01 -7.09 13.69
N ARG B 612 40.72 -7.29 13.41
CA ARG B 612 40.33 -7.86 12.13
C ARG B 612 40.68 -6.93 10.97
N VAL B 613 40.36 -5.64 11.11
CA VAL B 613 40.56 -4.72 10.00
C VAL B 613 42.03 -4.47 9.73
N GLY B 614 42.81 -4.24 10.79
CA GLY B 614 44.22 -3.98 10.65
C GLY B 614 45.10 -5.20 10.49
N ASN B 615 44.54 -6.40 10.60
CA ASN B 615 45.29 -7.64 10.47
C ASN B 615 46.43 -7.69 11.48
N MET B 616 46.05 -7.71 12.75
CA MET B 616 47.02 -7.84 13.84
C MET B 616 46.38 -8.61 14.97
N SER B 617 47.23 -9.18 15.82
CA SER B 617 46.76 -9.96 16.95
C SER B 617 46.07 -9.06 17.98
N VAL B 618 45.03 -9.60 18.60
CA VAL B 618 44.26 -8.81 19.57
C VAL B 618 45.13 -8.40 20.75
N SER B 619 46.19 -9.16 21.04
CA SER B 619 47.08 -8.78 22.13
C SER B 619 47.79 -7.46 21.83
N THR B 620 48.25 -7.27 20.60
CA THR B 620 48.87 -6.00 20.24
C THR B 620 47.88 -4.85 20.36
N VAL B 621 46.65 -5.06 19.90
CA VAL B 621 45.63 -4.02 20.01
C VAL B 621 45.38 -3.67 21.47
N THR B 622 45.32 -4.69 22.33
CA THR B 622 45.07 -4.45 23.74
C THR B 622 46.20 -3.65 24.37
N LYS B 623 47.45 -4.05 24.12
CA LYS B 623 48.57 -3.34 24.73
C LYS B 623 48.67 -1.92 24.19
N GLY B 624 48.30 -1.70 22.92
CA GLY B 624 48.25 -0.36 22.39
C GLY B 624 47.16 0.50 23.01
N VAL B 625 46.00 -0.11 23.30
CA VAL B 625 44.91 0.65 23.90
C VAL B 625 45.21 1.01 25.34
N LEU B 626 45.92 0.15 26.07
CA LEU B 626 46.17 0.43 27.49
C LEU B 626 46.66 1.84 27.76
N PRO B 627 47.66 2.38 27.06
CA PRO B 627 48.10 3.75 27.38
C PRO B 627 47.05 4.82 27.12
N PHE B 628 46.05 4.56 26.29
CA PHE B 628 45.06 5.56 25.94
C PHE B 628 43.81 5.50 26.82
N LEU B 629 43.78 4.61 27.82
CA LEU B 629 42.63 4.56 28.72
C LEU B 629 42.71 5.58 29.84
N ILE B 630 43.88 6.16 30.10
CA ILE B 630 44.00 7.15 31.15
C ILE B 630 43.17 8.40 30.85
N PRO B 631 43.22 8.98 29.65
CA PRO B 631 42.37 10.14 29.38
C PRO B 631 40.88 9.89 29.60
N VAL B 632 40.39 8.72 29.19
CA VAL B 632 38.97 8.43 29.34
C VAL B 632 38.59 8.33 30.82
N PHE B 633 39.42 7.65 31.61
CA PHE B 633 39.15 7.54 33.04
C PHE B 633 39.19 8.91 33.70
N VAL B 634 40.16 9.75 33.32
CA VAL B 634 40.24 11.09 33.90
C VAL B 634 38.99 11.90 33.56
N THR B 635 38.54 11.81 32.31
CA THR B 635 37.32 12.54 31.92
C THR B 635 36.12 12.06 32.71
N LEU B 636 35.98 10.73 32.87
CA LEU B 636 34.87 10.20 33.63
C LEU B 636 34.90 10.69 35.07
N VAL B 637 36.08 10.67 35.69
CA VAL B 637 36.21 11.16 37.06
C VAL B 637 35.82 12.64 37.13
N LEU B 638 36.32 13.44 36.18
CA LEU B 638 36.05 14.86 36.20
C LEU B 638 34.56 15.15 36.13
N ILE B 639 33.85 14.51 35.19
CA ILE B 639 32.42 14.77 35.09
C ILE B 639 31.67 14.20 36.27
N THR B 640 32.14 13.09 36.86
CA THR B 640 31.47 12.56 38.04
C THR B 640 31.56 13.51 39.23
N ILE B 641 32.71 14.15 39.43
CA ILE B 641 32.87 15.03 40.58
C ILE B 641 32.35 16.45 40.33
N PHE B 642 32.18 16.86 39.08
CA PHE B 642 31.77 18.22 38.74
C PHE B 642 30.56 18.17 37.82
N PRO B 643 29.37 17.93 38.35
CA PRO B 643 28.17 17.90 37.50
C PRO B 643 27.91 19.20 36.77
N GLN B 644 28.39 20.34 37.30
CA GLN B 644 28.16 21.61 36.64
C GLN B 644 28.68 21.60 35.21
N ILE B 645 29.80 20.92 34.97
CA ILE B 645 30.37 20.88 33.63
C ILE B 645 29.33 20.38 32.63
N ILE B 646 28.66 19.29 32.97
CA ILE B 646 27.62 18.77 32.09
C ILE B 646 26.40 19.66 32.08
N THR B 647 25.96 20.12 33.24
CA THR B 647 24.62 20.67 33.40
C THR B 647 24.51 22.15 33.08
N PHE B 648 25.63 22.86 32.85
CA PHE B 648 25.51 24.30 32.64
C PHE B 648 25.12 24.68 31.22
N VAL B 649 25.60 23.96 30.20
CA VAL B 649 25.29 24.29 28.81
C VAL B 649 23.80 24.11 28.53
N PRO B 650 23.19 22.97 28.87
CA PRO B 650 21.78 22.78 28.51
C PRO B 650 20.87 23.83 29.10
N ASN B 651 21.14 24.28 30.33
CA ASN B 651 20.33 25.33 30.93
C ASN B 651 20.46 26.62 30.13
N LEU B 652 21.67 26.95 29.69
CA LEU B 652 21.85 28.14 28.86
C LEU B 652 21.06 28.03 27.56
N LEU B 653 21.15 26.87 26.90
CA LEU B 653 20.48 26.71 25.61
C LEU B 653 18.99 26.48 25.77
N ILE B 654 18.57 25.78 26.82
CA ILE B 654 17.16 25.50 27.05
C ILE B 654 16.79 25.85 28.48
NA NA C . -21.04 10.77 -24.00
NA NA D . -35.73 -1.69 -25.18
C1 PTY E . -14.01 -1.64 9.90
C2 PTY E . -18.16 0.20 9.40
C3 PTY E . -17.84 -0.88 8.39
O4 PTY E . -13.63 -2.24 11.13
C5 PTY E . -15.28 -3.66 9.12
C6 PTY E . -14.10 -2.74 8.86
O7 PTY E . -12.86 -3.45 8.91
C8 PTY E . -12.45 -4.11 7.84
O10 PTY E . -13.15 -4.87 7.22
C11 PTY E . -11.01 -3.80 7.51
C12 PTY E . -10.40 -4.78 6.53
C13 PTY E . -8.90 -4.54 6.33
C14 PTY E . -8.61 -3.21 5.67
C30 PTY E . -12.62 -1.68 11.80
C31 PTY E . -11.29 -2.13 11.25
O30 PTY E . -12.77 -0.92 12.72
C32 PTY E . -10.10 -1.45 11.91
C33 PTY E . -8.79 -1.78 11.21
C34 PTY E . -8.55 -3.28 11.11
C35 PTY E . -7.12 -3.63 10.73
C36 PTY E . -6.63 -2.87 9.51
P1 PTY E . -17.17 -2.40 10.42
O11 PTY E . -16.86 -1.76 8.95
O12 PTY E . -17.01 -1.36 11.48
O13 PTY E . -18.41 -3.23 10.38
O14 PTY E . -15.84 -3.37 10.37
N1 PTY E . -16.96 0.88 9.84
C40 PGT F . -18.29 -30.52 -11.45
C39 PGT F . -17.26 -30.10 -10.40
C38 PGT F . -16.50 -28.84 -10.78
C37 PGT F . -15.00 -29.06 -10.92
C36 PGT F . -14.63 -29.85 -12.17
C35 PGT F . -13.13 -30.14 -12.26
C34 PGT F . -12.27 -28.90 -12.20
C33 PGT F . -10.78 -29.20 -12.23
C32 PGT F . -10.40 -30.12 -13.39
C31 PGT F . -8.92 -30.14 -13.64
O31 PGT F . -8.11 -29.45 -13.08
O2 PGT F . -8.60 -31.03 -14.58
C2 PGT F . -8.85 -32.42 -14.35
C1 PGT F . -7.64 -33.12 -13.74
O3P PGT F . -6.43 -32.68 -14.30
P PGT F . -5.78 -31.28 -13.71
O1P PGT F . -6.14 -31.15 -12.26
O2P PGT F . -6.03 -30.13 -14.64
O4P PGT F . -4.24 -31.84 -13.86
C4 PGT F . -3.42 -31.80 -12.72
C5 PGT F . -3.28 -30.37 -12.26
O5 PGT F . -4.33 -29.94 -11.44
C6 PGT F . -3.08 -29.47 -13.48
O6 PGT F . -3.19 -30.24 -14.64
C3 PGT F . -9.34 -33.01 -15.65
O3 PGT F . -10.76 -32.94 -15.67
C11 PGT F . -11.38 -33.08 -16.83
O11 PGT F . -10.87 -33.60 -17.79
C12 PGT F . -12.76 -32.50 -16.79
C13 PGT F . -12.85 -31.30 -15.86
C14 PGT F . -14.19 -30.60 -15.96
C15 PGT F . -15.03 -31.11 -17.13
C16 PGT F . -15.84 -30.00 -17.80
C17 PGT F . -16.51 -29.05 -16.82
C18 PGT F . -17.66 -28.27 -17.44
C19 PGT F . -18.25 -27.20 -16.52
C20 PGT F . -19.67 -26.82 -16.87
NA NA G . 27.12 10.35 17.11
NA NA H . 33.98 -4.61 27.26
C1 PTY I . 8.13 -14.22 -5.02
C2 PTY I . 14.00 -12.57 -6.26
C3 PTY I . 14.14 -13.70 -5.26
O4 PTY I . 8.56 -14.02 -6.36
C5 PTY I . 9.93 -14.82 -3.38
C6 PTY I . 9.22 -13.70 -4.10
O7 PTY I . 8.59 -12.78 -3.19
C8 PTY I . 7.73 -13.22 -2.29
O10 PTY I . 8.00 -14.05 -1.45
C11 PTY I . 6.39 -12.56 -2.43
C12 PTY I . 6.20 -11.38 -1.50
C13 PTY I . 4.75 -10.92 -1.43
C30 PTY I . 7.84 -13.17 -7.10
C31 PTY I . 6.37 -13.38 -6.90
O30 PTY I . 8.34 -12.36 -7.84
C32 PTY I . 5.59 -12.07 -6.76
C33 PTY I . 4.22 -12.30 -6.14
C34 PTY I . 3.56 -10.98 -5.75
C35 PTY I . 2.15 -11.16 -5.18
P1 PTY I . 12.50 -15.05 -3.74
O11 PTY I . 12.90 -14.37 -5.17
O12 PTY I . 13.22 -16.35 -3.55
O13 PTY I . 12.53 -14.02 -2.64
O14 PTY I . 10.95 -15.32 -4.21
N1 PTY I . 13.06 -11.57 -5.80
C40 PGT J . 6.21 -18.65 32.99
C39 PGT J . 5.05 -18.35 32.06
C38 PGT J . 3.69 -18.37 32.75
C37 PGT J . 2.54 -18.40 31.77
C36 PGT J . 1.17 -18.15 32.41
C35 PGT J . 0.79 -19.24 33.41
C34 PGT J . -0.69 -19.20 33.77
C33 PGT J . -1.55 -18.71 32.60
C32 PGT J . -2.91 -19.38 32.56
C31 PGT J . -3.91 -18.82 33.53
O31 PGT J . -3.64 -18.30 34.58
O2 PGT J . -5.15 -19.01 33.09
C2 PGT J . -5.85 -17.91 32.48
C1 PGT J . -7.25 -18.30 32.06
O3P PGT J . -7.36 -18.55 30.67
P PGT J . -7.77 -17.33 29.67
O1P PGT J . -7.06 -16.08 30.06
O2P PGT J . -7.74 -17.77 28.23
O4P PGT J . -9.32 -17.26 30.21
C4 PGT J . -10.34 -16.94 29.29
C5 PGT J . -10.05 -15.56 28.70
O5 PGT J . -9.12 -15.60 27.64
C6 PGT J . -9.63 -14.61 29.80
O6 PGT J . -8.26 -14.32 29.65
C3 PGT J . -4.95 -17.36 31.40
O3 PGT J . -4.96 -18.22 30.27
C11 PGT J . -4.46 -17.76 29.13
O11 PGT J . -5.11 -17.15 28.33
C12 PGT J . -3.01 -18.09 28.99
C13 PGT J . -2.61 -18.39 27.55
C14 PGT J . -1.27 -19.10 27.48
C15 PGT J . -1.10 -20.18 28.54
C16 PGT J . 0.31 -20.73 28.60
C17 PGT J . 0.84 -21.20 27.26
C18 PGT J . 2.10 -22.04 27.38
C19 PGT J . 1.93 -23.26 28.28
C20 PGT J . 3.15 -24.16 28.32
#